data_4BO8
#
_entry.id   4BO8
#
_cell.length_a   54.060
_cell.length_b   108.570
_cell.length_c   147.780
_cell.angle_alpha   90.00
_cell.angle_beta   90.00
_cell.angle_gamma   90.00
#
_symmetry.space_group_name_H-M   'P 21 21 21'
#
loop_
_entity.id
_entity.type
_entity.pdbx_description
1 polymer '3-OXOACYL-[ACYL-CARRIER-PROTEIN] REDUCTASE FABG'
2 non-polymer 1-(2-AMINO-4-PHENYLIMIDAZOL-1-YL)-3-(2-FLUOROPHENYL)UREA
3 non-polymer 'SULFATE ION'
4 water water
#
_entity_poly.entity_id   1
_entity_poly.type   'polypeptide(L)'
_entity_poly.pdbx_seq_one_letter_code
;MHHHHHHSSGVDLGTENLYFQSMSLQGKVALVTGASRGIGQAIALELGRLGAVVIGTATSASGAEKIAETLKANGVEGAG
LVLDVSSDESVAATLEHIQQHLGQPLIVVNNAGITRDNLLVRMKDDEWFDVVNTNLNSLYRLSKAVLRGMTKARWGRIIN
IGSVVGAMGNAGQTNYAAAKAGLEGFTRALAREVGSRAITVNAVAPGFIDTDMTRELPEAQREALLGQIPLGRLGQAEEI
AKVVGFLASDGAAYVTGATVPVNGGMYMS
;
_entity_poly.pdbx_strand_id   A,B,C,D
#
loop_
_chem_comp.id
_chem_comp.type
_chem_comp.name
_chem_comp.formula
34X non-polymer 1-(2-AMINO-4-PHENYLIMIDAZOL-1-YL)-3-(2-FLUOROPHENYL)UREA 'C16 H14 F N5 O'
SO4 non-polymer 'SULFATE ION' 'O4 S -2'
#
# COMPACT_ATOMS: atom_id res chain seq x y z
N GLN A 21 -19.38 20.48 21.09
CA GLN A 21 -19.48 21.18 19.76
C GLN A 21 -18.15 21.91 19.46
N SER A 22 -17.06 21.26 19.85
CA SER A 22 -15.72 21.85 19.86
C SER A 22 -14.63 20.76 20.00
N MET A 23 -13.36 21.17 19.86
CA MET A 23 -12.18 20.28 19.99
C MET A 23 -11.48 20.45 21.31
N SER A 24 -12.26 20.76 22.33
CA SER A 24 -11.73 21.03 23.65
C SER A 24 -11.31 19.76 24.36
N LEU A 25 -10.06 19.74 24.83
CA LEU A 25 -9.56 18.63 25.61
C LEU A 25 -9.54 18.98 27.10
N GLN A 26 -10.38 19.93 27.50
CA GLN A 26 -10.54 20.28 28.91
C GLN A 26 -10.89 19.02 29.71
N GLY A 27 -10.26 18.87 30.87
CA GLY A 27 -10.52 17.74 31.73
C GLY A 27 -9.75 16.47 31.41
N LYS A 28 -9.06 16.45 30.27
CA LYS A 28 -8.29 15.25 29.88
C LYS A 28 -6.83 15.43 30.23
N VAL A 29 -6.21 14.33 30.63
CA VAL A 29 -4.79 14.32 30.89
C VAL A 29 -4.08 13.67 29.72
N ALA A 30 -3.06 14.34 29.22
CA ALA A 30 -2.27 13.84 28.07
C ALA A 30 -0.80 13.65 28.45
N LEU A 31 -0.19 12.61 27.90
CA LEU A 31 1.20 12.24 28.15
C LEU A 31 1.94 12.25 26.84
N VAL A 32 2.94 13.09 26.74
CA VAL A 32 3.69 13.26 25.49
C VAL A 32 5.14 12.92 25.76
N THR A 33 5.63 11.83 25.20
CA THR A 33 7.01 11.43 25.42
C THR A 33 7.93 12.22 24.51
N GLY A 34 9.13 12.52 25.01
CA GLY A 34 10.13 13.23 24.26
C GLY A 34 9.66 14.63 23.94
N ALA A 35 9.35 15.40 24.97
CA ALA A 35 8.71 16.70 24.82
C ALA A 35 9.63 17.92 25.04
N SER A 36 10.92 17.69 25.25
CA SER A 36 11.81 18.80 25.61
C SER A 36 12.16 19.71 24.42
N ARG A 37 11.95 19.23 23.20
CA ARG A 37 12.31 20.01 22.04
C ARG A 37 11.51 19.57 20.81
N GLY A 38 11.63 20.36 19.75
CA GLY A 38 11.11 20.03 18.44
C GLY A 38 9.65 19.63 18.39
N ILE A 39 9.39 18.49 17.74
CA ILE A 39 8.05 18.02 17.49
C ILE A 39 7.30 17.76 18.79
N GLY A 40 7.93 17.01 19.69
CA GLY A 40 7.31 16.67 20.96
C GLY A 40 6.92 17.91 21.74
N GLN A 41 7.80 18.90 21.75
CA GLN A 41 7.49 20.13 22.45
C GLN A 41 6.25 20.76 21.79
N ALA A 42 6.27 20.85 20.47
CA ALA A 42 5.18 21.47 19.73
C ALA A 42 3.85 20.72 19.99
N ILE A 43 3.95 19.40 20.14
CA ILE A 43 2.76 18.59 20.47
C ILE A 43 2.25 18.89 21.88
N ALA A 44 3.14 18.98 22.86
CA ALA A 44 2.74 19.30 24.23
C ALA A 44 2.02 20.65 24.32
N LEU A 45 2.54 21.66 23.63
CA LEU A 45 1.91 22.98 23.63
C LEU A 45 0.55 23.00 22.89
N GLU A 46 0.44 22.22 21.84
CA GLU A 46 -0.81 22.18 21.10
C GLU A 46 -1.90 21.51 21.94
N LEU A 47 -1.58 20.38 22.57
CA LEU A 47 -2.57 19.73 23.41
C LEU A 47 -2.91 20.63 24.60
N GLY A 48 -1.93 21.39 25.06
CA GLY A 48 -2.17 22.36 26.12
C GLY A 48 -3.11 23.44 25.63
N ARG A 49 -2.83 23.98 24.44
CA ARG A 49 -3.69 24.97 23.84
C ARG A 49 -5.13 24.49 23.78
N LEU A 50 -5.31 23.20 23.57
CA LEU A 50 -6.66 22.66 23.46
C LEU A 50 -7.33 22.37 24.80
N GLY A 51 -6.62 22.66 25.90
CA GLY A 51 -7.16 22.53 27.23
C GLY A 51 -6.79 21.28 28.00
N ALA A 52 -5.89 20.48 27.45
CA ALA A 52 -5.47 19.27 28.16
C ALA A 52 -4.53 19.61 29.29
N VAL A 53 -4.55 18.80 30.34
CA VAL A 53 -3.49 18.83 31.32
C VAL A 53 -2.37 17.98 30.76
N VAL A 54 -1.18 18.56 30.62
CA VAL A 54 -0.12 17.90 29.86
C VAL A 54 1.09 17.47 30.68
N ILE A 55 1.37 16.17 30.69
CA ILE A 55 2.64 15.65 31.20
C ILE A 55 3.57 15.33 30.06
N GLY A 56 4.66 16.08 29.95
CA GLY A 56 5.68 15.85 28.92
C GLY A 56 6.84 15.13 29.57
N THR A 57 7.60 14.36 28.79
CA THR A 57 8.72 13.60 29.36
C THR A 57 10.01 13.73 28.59
N ALA A 58 11.09 13.48 29.30
CA ALA A 58 12.42 13.46 28.76
C ALA A 58 13.20 12.43 29.55
N THR A 59 14.39 12.11 29.09
CA THR A 59 15.19 11.06 29.71
C THR A 59 16.06 11.57 30.87
N SER A 60 16.21 12.90 30.98
CA SER A 60 17.05 13.52 32.00
C SER A 60 16.25 14.47 32.89
N ALA A 61 16.82 14.79 34.05
CA ALA A 61 16.18 15.73 34.99
C ALA A 61 16.12 17.16 34.43
N SER A 62 17.22 17.63 33.85
CA SER A 62 17.23 18.97 33.28
C SER A 62 16.25 19.08 32.11
N GLY A 63 16.05 17.98 31.35
CA GLY A 63 15.05 17.95 30.26
C GLY A 63 13.66 18.11 30.82
N ALA A 64 13.39 17.39 31.90
CA ALA A 64 12.09 17.42 32.56
C ALA A 64 11.82 18.78 33.15
N GLU A 65 12.84 19.35 33.78
CA GLU A 65 12.71 20.70 34.29
C GLU A 65 12.37 21.63 33.15
N LYS A 66 13.09 21.53 32.05
CA LYS A 66 12.87 22.45 30.95
C LYS A 66 11.43 22.37 30.40
N ILE A 67 10.89 21.14 30.33
CA ILE A 67 9.52 20.93 29.91
C ILE A 67 8.58 21.72 30.79
N ALA A 68 8.83 21.68 32.08
CA ALA A 68 7.98 22.40 33.04
C ALA A 68 8.00 23.91 32.84
N GLU A 69 9.17 24.47 32.55
CA GLU A 69 9.27 25.92 32.32
C GLU A 69 8.41 26.30 31.13
N THR A 70 8.63 25.57 30.05
CA THR A 70 7.92 25.81 28.80
C THR A 70 6.41 25.77 29.01
N LEU A 71 5.92 24.82 29.81
CA LEU A 71 4.50 24.74 30.12
C LEU A 71 4.00 26.00 30.84
N LYS A 72 4.61 26.35 31.97
CA LYS A 72 4.23 27.57 32.67
C LYS A 72 4.35 28.76 31.74
N ALA A 73 5.45 28.81 31.00
CA ALA A 73 5.73 29.92 30.09
C ALA A 73 4.65 30.07 29.01
N ASN A 74 3.95 29.00 28.69
CA ASN A 74 2.78 29.09 27.78
C ASN A 74 1.44 28.80 28.48
N GLY A 75 1.38 28.95 29.80
CA GLY A 75 0.12 28.83 30.54
C GLY A 75 -0.55 27.48 30.46
N VAL A 76 0.24 26.42 30.39
CA VAL A 76 -0.29 25.07 30.33
C VAL A 76 -0.14 24.35 31.65
N GLU A 77 -1.25 23.81 32.16
CA GLU A 77 -1.22 23.05 33.38
C GLU A 77 -0.66 21.70 33.07
N GLY A 78 0.34 21.28 33.83
CA GLY A 78 0.91 19.97 33.64
C GLY A 78 2.19 19.77 34.40
N ALA A 79 3.11 19.00 33.81
CA ALA A 79 4.37 18.65 34.47
C ALA A 79 5.39 18.09 33.51
N GLY A 80 6.64 18.14 33.94
CA GLY A 80 7.73 17.42 33.27
C GLY A 80 8.15 16.23 34.13
N LEU A 81 8.28 15.05 33.52
CA LEU A 81 8.82 13.87 34.22
C LEU A 81 10.00 13.26 33.52
N VAL A 82 10.75 12.49 34.29
CA VAL A 82 11.82 11.72 33.74
C VAL A 82 11.24 10.38 33.39
N LEU A 83 11.43 9.97 32.13
CA LEU A 83 10.91 8.70 31.65
C LEU A 83 11.82 8.08 30.60
N ASP A 84 12.17 6.81 30.79
CA ASP A 84 12.89 6.03 29.81
C ASP A 84 11.95 4.92 29.28
N VAL A 85 11.41 5.11 28.08
CA VAL A 85 10.40 4.18 27.57
C VAL A 85 10.97 2.80 27.23
N SER A 86 12.27 2.62 27.33
CA SER A 86 12.91 1.31 27.05
C SER A 86 12.90 0.37 28.26
N SER A 87 12.46 0.85 29.42
CA SER A 87 12.53 0.07 30.66
C SER A 87 11.17 -0.02 31.37
N ASP A 88 10.81 -1.24 31.75
CA ASP A 88 9.52 -1.52 32.35
C ASP A 88 9.35 -0.79 33.68
N GLU A 89 10.42 -0.75 34.46
CA GLU A 89 10.41 -0.10 35.77
C GLU A 89 10.11 1.38 35.63
N SER A 90 10.85 2.07 34.75
CA SER A 90 10.63 3.52 34.52
C SER A 90 9.16 3.75 34.20
N VAL A 91 8.65 2.98 33.22
CA VAL A 91 7.28 3.14 32.74
C VAL A 91 6.26 2.94 33.86
N ALA A 92 6.38 1.83 34.58
CA ALA A 92 5.42 1.48 35.63
C ALA A 92 5.40 2.55 36.70
N ALA A 93 6.59 2.95 37.12
CA ALA A 93 6.74 3.93 38.18
C ALA A 93 6.17 5.27 37.73
N THR A 94 6.58 5.69 36.54
CA THR A 94 6.15 6.96 36.00
C THR A 94 4.64 7.03 35.97
N LEU A 95 3.99 6.00 35.42
CA LEU A 95 2.53 6.03 35.28
C LEU A 95 1.87 6.12 36.65
N GLU A 96 2.46 5.43 37.62
CA GLU A 96 1.97 5.47 39.00
C GLU A 96 2.01 6.90 39.50
N HIS A 97 3.17 7.54 39.39
CA HIS A 97 3.33 8.93 39.82
C HIS A 97 2.22 9.81 39.22
N ILE A 98 1.93 9.60 37.94
CA ILE A 98 0.91 10.41 37.27
C ILE A 98 -0.46 10.12 37.85
N GLN A 99 -0.76 8.85 38.06
CA GLN A 99 -2.06 8.45 38.58
C GLN A 99 -2.30 9.00 39.96
N GLN A 100 -1.28 8.88 40.81
CA GLN A 100 -1.40 9.38 42.17
C GLN A 100 -1.53 10.89 42.24
N HIS A 101 -0.87 11.61 41.35
CA HIS A 101 -0.87 13.08 41.40
C HIS A 101 -1.92 13.75 40.47
N LEU A 102 -1.89 13.46 39.17
CA LEU A 102 -2.68 14.24 38.21
C LEU A 102 -3.91 13.55 37.62
N GLY A 103 -4.02 12.23 37.80
CA GLY A 103 -5.13 11.46 37.23
C GLY A 103 -4.65 10.52 36.14
N GLN A 104 -5.59 9.90 35.42
CA GLN A 104 -5.24 8.89 34.42
C GLN A 104 -5.04 9.53 33.04
N PRO A 105 -3.89 9.27 32.40
CA PRO A 105 -3.64 9.79 31.06
C PRO A 105 -4.46 9.05 29.99
N LEU A 106 -5.41 9.75 29.38
CA LEU A 106 -6.27 9.16 28.37
C LEU A 106 -5.83 9.55 26.96
N ILE A 107 -4.96 10.54 26.86
CA ILE A 107 -4.33 10.84 25.60
C ILE A 107 -2.86 10.53 25.77
N VAL A 108 -2.29 9.75 24.85
CA VAL A 108 -0.89 9.36 24.95
C VAL A 108 -0.24 9.42 23.59
N VAL A 109 0.80 10.21 23.50
CA VAL A 109 1.52 10.45 22.28
C VAL A 109 2.94 9.96 22.45
N ASN A 110 3.27 8.87 21.77
CA ASN A 110 4.63 8.34 21.78
C ASN A 110 5.44 9.07 20.72
N ASN A 111 6.35 9.90 21.17
CA ASN A 111 7.25 10.60 20.27
C ASN A 111 8.73 10.37 20.60
N ALA A 112 9.02 9.85 21.79
CA ALA A 112 10.40 9.51 22.17
C ALA A 112 10.92 8.25 21.45
N GLY A 113 11.92 8.40 20.58
CA GLY A 113 12.42 7.30 19.76
C GLY A 113 13.25 6.30 20.55
N GLU A 127 21.75 -1.80 10.89
CA GLU A 127 21.22 -1.13 12.06
C GLU A 127 19.70 -0.91 11.97
N TRP A 128 19.15 -1.07 10.77
CA TRP A 128 17.72 -0.88 10.60
C TRP A 128 16.93 -1.79 11.53
N PHE A 129 17.34 -3.05 11.61
CA PHE A 129 16.51 -4.01 12.30
C PHE A 129 16.37 -3.64 13.76
N ASP A 130 17.50 -3.51 14.44
CA ASP A 130 17.54 -3.14 15.87
C ASP A 130 16.82 -1.81 16.19
N VAL A 131 17.02 -0.79 15.37
CA VAL A 131 16.31 0.47 15.56
C VAL A 131 14.82 0.19 15.61
N VAL A 132 14.29 -0.45 14.57
CA VAL A 132 12.85 -0.64 14.48
C VAL A 132 12.35 -1.58 15.58
N ASN A 133 13.06 -2.68 15.78
CA ASN A 133 12.68 -3.61 16.81
C ASN A 133 12.61 -2.95 18.21
N THR A 134 13.60 -2.10 18.50
CA THR A 134 13.65 -1.40 19.77
C THR A 134 12.50 -0.38 19.87
N ASN A 135 12.30 0.44 18.83
CA ASN A 135 11.21 1.42 18.87
CA ASN A 135 11.20 1.40 18.87
C ASN A 135 9.88 0.71 19.17
N LEU A 136 9.53 -0.28 18.35
CA LEU A 136 8.24 -0.94 18.47
C LEU A 136 8.04 -1.67 19.81
N ASN A 137 9.11 -2.17 20.39
CA ASN A 137 9.04 -2.71 21.74
C ASN A 137 8.72 -1.64 22.76
N SER A 138 9.23 -0.42 22.54
CA SER A 138 8.89 0.72 23.40
C SER A 138 7.47 1.19 23.22
N LEU A 139 6.98 1.25 21.99
CA LEU A 139 5.56 1.57 21.78
C LEU A 139 4.65 0.60 22.50
N TYR A 140 4.95 -0.69 22.40
CA TYR A 140 4.07 -1.72 22.91
C TYR A 140 4.09 -1.64 24.43
N ARG A 141 5.30 -1.58 25.00
CA ARG A 141 5.47 -1.42 26.43
C ARG A 141 4.57 -0.31 26.96
N LEU A 142 4.77 0.91 26.46
CA LEU A 142 4.07 2.06 26.99
C LEU A 142 2.58 1.97 26.73
N SER A 143 2.24 1.56 25.52
CA SER A 143 0.85 1.45 25.13
C SER A 143 0.10 0.49 26.06
N LYS A 144 0.66 -0.69 26.28
CA LYS A 144 0.06 -1.69 27.17
C LYS A 144 -0.13 -1.16 28.59
N ALA A 145 0.80 -0.33 29.04
CA ALA A 145 0.75 0.20 30.39
C ALA A 145 -0.34 1.26 30.56
N VAL A 146 -0.56 2.08 29.54
CA VAL A 146 -1.60 3.12 29.63
C VAL A 146 -2.97 2.60 29.30
N LEU A 147 -3.01 1.40 28.76
CA LEU A 147 -4.27 0.84 28.27
C LEU A 147 -5.23 0.47 29.38
N ARG A 148 -4.70 0.06 30.52
CA ARG A 148 -5.55 -0.29 31.63
C ARG A 148 -6.42 0.92 32.01
N GLY A 149 -5.81 2.10 32.05
CA GLY A 149 -6.52 3.32 32.37
C GLY A 149 -7.60 3.67 31.36
N MET A 150 -7.28 3.53 30.07
CA MET A 150 -8.23 3.88 29.01
C MET A 150 -9.42 2.89 28.96
N THR A 151 -9.10 1.63 29.13
CA THR A 151 -10.09 0.57 29.24
C THR A 151 -11.11 0.93 30.30
N LYS A 152 -10.63 1.30 31.48
CA LYS A 152 -11.49 1.65 32.60
C LYS A 152 -12.41 2.84 32.30
N ALA A 153 -11.89 3.80 31.54
CA ALA A 153 -12.64 5.01 31.22
C ALA A 153 -13.46 4.83 29.95
N ARG A 154 -13.27 3.70 29.26
CA ARG A 154 -13.96 3.44 28.00
C ARG A 154 -13.82 4.60 27.00
N TRP A 155 -12.60 5.14 26.93
CA TRP A 155 -12.25 6.20 25.97
C TRP A 155 -10.73 6.36 25.97
N GLY A 156 -10.15 6.70 24.83
CA GLY A 156 -8.71 6.88 24.77
C GLY A 156 -8.15 7.22 23.41
N ARG A 157 -7.02 7.93 23.41
CA ARG A 157 -6.29 8.26 22.19
C ARG A 157 -4.84 7.85 22.34
N ILE A 158 -4.35 7.02 21.44
CA ILE A 158 -2.93 6.75 21.37
C ILE A 158 -2.43 7.18 20.01
N ILE A 159 -1.40 8.01 20.01
CA ILE A 159 -0.88 8.56 18.79
C ILE A 159 0.63 8.37 18.72
N ASN A 160 1.10 7.77 17.63
CA ASN A 160 2.51 7.42 17.50
C ASN A 160 3.20 8.26 16.44
N ILE A 161 4.25 8.97 16.82
CA ILE A 161 4.90 9.84 15.90
C ILE A 161 6.03 9.06 15.26
N GLY A 162 6.10 9.10 13.94
CA GLY A 162 7.16 8.43 13.23
C GLY A 162 8.46 9.18 13.28
N SER A 163 9.51 8.56 12.79
CA SER A 163 10.79 9.26 12.66
C SER A 163 10.72 10.30 11.57
N VAL A 164 11.39 11.41 11.81
CA VAL A 164 11.56 12.45 10.83
C VAL A 164 12.49 11.98 9.72
N VAL A 165 12.28 12.50 8.51
CA VAL A 165 13.18 12.26 7.37
C VAL A 165 14.40 13.14 7.51
N GLY A 166 15.56 12.55 7.26
CA GLY A 166 16.84 13.16 7.58
C GLY A 166 17.71 12.00 7.99
N ALA A 167 18.57 11.59 7.07
CA ALA A 167 19.21 10.30 7.22
C ALA A 167 20.48 10.26 6.40
N MET A 168 21.56 10.70 7.03
CA MET A 168 22.89 10.66 6.42
C MET A 168 23.09 9.31 5.69
N GLY A 169 22.67 9.26 4.42
CA GLY A 169 23.03 8.16 3.48
C GLY A 169 21.98 7.23 2.87
N ASN A 170 22.47 6.11 2.32
CA ASN A 170 21.63 5.00 1.81
C ASN A 170 20.96 4.27 3.00
N ALA A 171 21.78 3.96 3.99
CA ALA A 171 21.33 3.44 5.30
C ALA A 171 20.06 4.15 5.75
N GLY A 172 20.06 5.47 5.66
CA GLY A 172 18.96 6.29 6.12
C GLY A 172 17.63 6.21 5.38
N GLN A 173 17.64 5.80 4.11
CA GLN A 173 16.39 5.56 3.38
C GLN A 173 15.79 4.20 3.79
N THR A 174 16.64 3.17 3.77
CA THR A 174 16.32 1.85 4.32
C THR A 174 15.70 1.98 5.71
N ASN A 175 16.35 2.76 6.55
CA ASN A 175 15.90 2.95 7.95
C ASN A 175 14.57 3.70 8.10
N TYR A 176 14.31 4.70 7.26
CA TYR A 176 13.08 5.49 7.31
C TYR A 176 11.92 4.66 6.78
N ALA A 177 12.15 3.99 5.64
CA ALA A 177 11.12 3.15 5.00
C ALA A 177 10.69 2.01 5.94
N ALA A 178 11.69 1.43 6.61
CA ALA A 178 11.47 0.34 7.51
C ALA A 178 10.73 0.79 8.76
N ALA A 179 11.18 1.90 9.33
CA ALA A 179 10.54 2.44 10.53
C ALA A 179 9.09 2.77 10.22
N LYS A 180 8.84 3.30 9.04
CA LYS A 180 7.51 3.66 8.63
C LYS A 180 6.61 2.42 8.47
N ALA A 181 7.11 1.41 7.76
CA ALA A 181 6.32 0.21 7.56
C ALA A 181 5.97 -0.45 8.91
N GLY A 182 6.89 -0.36 9.86
CA GLY A 182 6.73 -0.98 11.17
C GLY A 182 5.72 -0.25 12.02
N LEU A 183 5.84 1.07 12.01
CA LEU A 183 4.86 1.94 12.64
C LEU A 183 3.43 1.69 12.12
N GLU A 184 3.29 1.50 10.81
CA GLU A 184 1.97 1.46 10.18
C GLU A 184 1.26 0.19 10.49
N GLY A 185 1.97 -0.92 10.34
CA GLY A 185 1.42 -2.23 10.65
C GLY A 185 1.15 -2.38 12.14
N PHE A 186 2.02 -1.81 12.96
CA PHE A 186 1.84 -1.85 14.40
C PHE A 186 0.61 -1.06 14.82
N THR A 187 0.50 0.15 14.31
CA THR A 187 -0.60 1.04 14.65
C THR A 187 -1.92 0.42 14.25
N ARG A 188 -1.97 -0.12 13.04
CA ARG A 188 -3.17 -0.79 12.54
C ARG A 188 -3.54 -1.98 13.42
N ALA A 189 -2.58 -2.84 13.72
CA ALA A 189 -2.86 -4.03 14.54
C ALA A 189 -3.34 -3.67 15.95
N LEU A 190 -2.71 -2.66 16.56
CA LEU A 190 -3.09 -2.29 17.91
C LEU A 190 -4.50 -1.67 17.92
N ALA A 191 -4.80 -0.87 16.90
CA ALA A 191 -6.14 -0.28 16.76
C ALA A 191 -7.23 -1.36 16.75
N ARG A 192 -7.01 -2.42 15.97
CA ARG A 192 -7.93 -3.55 15.89
C ARG A 192 -8.11 -4.26 17.20
N GLU A 193 -7.03 -4.33 17.99
CA GLU A 193 -7.09 -5.00 19.27
C GLU A 193 -7.86 -4.20 20.34
N VAL A 194 -7.73 -2.88 20.36
CA VAL A 194 -8.32 -2.09 21.43
C VAL A 194 -9.60 -1.34 21.02
N GLY A 195 -9.92 -1.39 19.72
CA GLY A 195 -11.04 -0.67 19.15
C GLY A 195 -12.35 -0.81 19.90
N SER A 196 -12.72 -2.04 20.25
CA SER A 196 -14.01 -2.29 20.91
C SER A 196 -14.21 -1.46 22.17
N ARG A 197 -13.16 -0.86 22.71
CA ARG A 197 -13.28 -0.09 23.94
C ARG A 197 -13.29 1.39 23.70
N ALA A 198 -13.53 1.81 22.46
CA ALA A 198 -13.59 3.22 22.11
C ALA A 198 -12.25 3.91 22.34
N ILE A 199 -11.19 3.20 21.98
CA ILE A 199 -9.85 3.74 22.01
C ILE A 199 -9.30 3.78 20.59
N THR A 200 -9.07 4.97 20.06
CA THR A 200 -8.40 5.08 18.77
C THR A 200 -6.88 5.05 18.94
N VAL A 201 -6.23 4.49 17.91
CA VAL A 201 -4.79 4.33 17.84
C VAL A 201 -4.36 4.74 16.44
N ASN A 202 -3.55 5.79 16.36
CA ASN A 202 -3.16 6.34 15.08
C ASN A 202 -1.72 6.77 15.05
N ALA A 203 -1.21 7.00 13.86
CA ALA A 203 0.15 7.40 13.72
C ALA A 203 0.23 8.63 12.85
N VAL A 204 1.33 9.36 12.98
CA VAL A 204 1.63 10.50 12.12
C VAL A 204 3.03 10.32 11.60
N ALA A 205 3.17 10.36 10.29
CA ALA A 205 4.44 10.05 9.63
C ALA A 205 5.03 11.32 9.06
N PRO A 206 5.84 12.05 9.86
CA PRO A 206 6.38 13.28 9.35
C PRO A 206 7.36 13.06 8.23
N GLY A 207 7.35 13.99 7.28
CA GLY A 207 8.36 14.03 6.24
C GLY A 207 9.56 14.84 6.73
N PHE A 208 9.92 15.85 5.96
CA PHE A 208 11.07 16.67 6.25
C PHE A 208 10.67 17.93 7.01
N ILE A 209 10.96 17.91 8.31
CA ILE A 209 10.46 18.90 9.26
C ILE A 209 11.59 19.79 9.68
N ASP A 210 11.30 21.06 9.86
CA ASP A 210 12.29 22.00 10.33
C ASP A 210 12.57 21.75 11.81
N THR A 211 13.69 21.13 12.13
CA THR A 211 14.00 20.92 13.53
C THR A 211 15.44 21.24 13.81
N ASP A 212 15.78 21.22 15.09
CA ASP A 212 17.14 21.39 15.57
C ASP A 212 18.12 20.35 14.94
N MET A 213 17.66 19.12 14.72
CA MET A 213 18.46 18.08 14.07
C MET A 213 18.71 18.40 12.59
N THR A 214 17.64 18.70 11.86
CA THR A 214 17.76 18.88 10.42
C THR A 214 18.39 20.22 9.98
N ARG A 215 18.34 21.25 10.82
CA ARG A 215 19.05 22.52 10.51
C ARG A 215 20.58 22.32 10.48
N GLU A 216 21.03 21.22 11.07
CA GLU A 216 22.42 20.83 11.15
C GLU A 216 22.93 19.97 9.98
N LEU A 217 22.01 19.47 9.16
CA LEU A 217 22.41 18.65 8.00
C LEU A 217 23.19 19.45 6.97
N PRO A 218 24.11 18.77 6.25
CA PRO A 218 24.88 19.45 5.21
C PRO A 218 24.02 19.98 4.05
N GLU A 219 24.30 21.21 3.60
CA GLU A 219 23.41 21.93 2.65
C GLU A 219 23.00 21.10 1.43
N ALA A 220 23.92 20.37 0.84
CA ALA A 220 23.62 19.52 -0.32
C ALA A 220 22.52 18.52 0.00
N GLN A 221 22.56 17.98 1.20
CA GLN A 221 21.56 17.03 1.64
C GLN A 221 20.21 17.70 1.86
N ARG A 222 20.18 18.88 2.45
CA ARG A 222 18.92 19.58 2.69
C ARG A 222 18.26 19.99 1.36
N GLU A 223 19.06 20.53 0.45
CA GLU A 223 18.55 21.01 -0.84
C GLU A 223 18.04 19.87 -1.72
N ALA A 224 18.73 18.73 -1.68
CA ALA A 224 18.29 17.54 -2.37
C ALA A 224 16.95 17.05 -1.80
N LEU A 225 16.71 17.32 -0.51
CA LEU A 225 15.43 17.00 0.10
C LEU A 225 14.32 18.02 -0.28
N LEU A 226 14.61 19.33 -0.26
CA LEU A 226 13.70 20.35 -0.85
C LEU A 226 13.32 20.06 -2.29
N GLY A 227 14.28 19.51 -3.05
CA GLY A 227 14.01 19.17 -4.44
C GLY A 227 12.99 18.06 -4.62
N GLN A 228 12.80 17.24 -3.58
CA GLN A 228 11.85 16.15 -3.58
C GLN A 228 10.47 16.56 -3.07
N ILE A 229 10.31 17.78 -2.52
CA ILE A 229 9.05 18.13 -1.84
C ILE A 229 8.21 19.08 -2.68
N PRO A 230 7.07 18.59 -3.23
CA PRO A 230 6.16 19.42 -4.04
C PRO A 230 5.83 20.78 -3.44
N LEU A 231 5.52 20.84 -2.14
CA LEU A 231 5.29 22.12 -1.49
C LEU A 231 6.52 23.02 -1.49
N GLY A 232 7.70 22.49 -1.78
CA GLY A 232 8.92 23.30 -1.92
C GLY A 232 9.47 23.89 -0.63
N ARG A 233 9.11 23.30 0.50
CA ARG A 233 9.58 23.78 1.80
C ARG A 233 9.58 22.68 2.84
N LEU A 234 10.30 22.94 3.93
CA LEU A 234 10.30 22.07 5.09
C LEU A 234 9.04 22.31 5.84
N GLY A 235 8.52 21.27 6.49
CA GLY A 235 7.34 21.43 7.33
C GLY A 235 7.75 21.96 8.70
N GLN A 236 6.82 22.60 9.39
CA GLN A 236 7.06 23.10 10.74
C GLN A 236 6.61 22.09 11.77
N ALA A 237 7.25 22.11 12.95
CA ALA A 237 6.87 21.22 14.04
C ALA A 237 5.39 21.41 14.38
N GLU A 238 4.94 22.65 14.40
CA GLU A 238 3.56 22.98 14.68
CA GLU A 238 3.56 22.98 14.68
C GLU A 238 2.61 22.23 13.75
N GLU A 239 3.04 22.03 12.52
CA GLU A 239 2.19 21.46 11.48
C GLU A 239 2.02 19.97 11.70
N ILE A 240 2.96 19.34 12.39
CA ILE A 240 2.76 17.98 12.89
C ILE A 240 1.82 18.00 14.08
N ALA A 241 2.01 18.98 14.95
CA ALA A 241 1.26 19.07 16.19
C ALA A 241 -0.24 19.28 15.95
N LYS A 242 -0.59 20.03 14.91
CA LYS A 242 -2.01 20.26 14.66
C LYS A 242 -2.71 18.97 14.30
N VAL A 243 -2.00 18.09 13.59
CA VAL A 243 -2.59 16.83 13.18
C VAL A 243 -2.83 16.00 14.44
N VAL A 244 -1.84 15.94 15.32
CA VAL A 244 -1.96 15.21 16.57
C VAL A 244 -3.09 15.80 17.36
N GLY A 245 -3.16 17.12 17.37
CA GLY A 245 -4.25 17.80 18.07
C GLY A 245 -5.62 17.38 17.58
N PHE A 246 -5.77 17.30 16.27
CA PHE A 246 -7.01 16.83 15.70
C PHE A 246 -7.31 15.37 16.05
N LEU A 247 -6.31 14.50 15.90
CA LEU A 247 -6.52 13.07 16.15
C LEU A 247 -6.96 12.81 17.58
N ALA A 248 -6.50 13.67 18.50
CA ALA A 248 -6.85 13.56 19.92
C ALA A 248 -8.29 13.96 20.24
N SER A 249 -8.94 14.67 19.32
CA SER A 249 -10.28 15.24 19.56
C SER A 249 -11.40 14.22 19.40
N ASP A 250 -12.59 14.56 19.90
CA ASP A 250 -13.77 13.71 19.80
C ASP A 250 -14.20 13.62 18.36
N GLY A 251 -13.94 14.69 17.61
CA GLY A 251 -14.22 14.70 16.17
C GLY A 251 -13.52 13.61 15.38
N ALA A 252 -12.34 13.19 15.83
CA ALA A 252 -11.59 12.11 15.16
C ALA A 252 -11.92 10.71 15.69
N ALA A 253 -13.08 10.57 16.34
CA ALA A 253 -13.45 9.30 16.99
C ALA A 253 -13.55 8.08 16.04
N TYR A 254 -13.92 8.30 14.78
CA TYR A 254 -14.02 7.17 13.83
C TYR A 254 -12.73 6.92 13.05
N VAL A 255 -11.67 7.68 13.34
CA VAL A 255 -10.38 7.45 12.72
C VAL A 255 -9.53 6.57 13.62
N THR A 256 -9.18 5.37 13.16
CA THR A 256 -8.33 4.48 13.95
C THR A 256 -7.56 3.51 13.07
N GLY A 257 -6.35 3.16 13.50
CA GLY A 257 -5.44 2.32 12.68
C GLY A 257 -4.91 3.03 11.44
N ALA A 258 -4.97 4.35 11.45
CA ALA A 258 -4.59 5.14 10.33
C ALA A 258 -3.24 5.77 10.59
N THR A 259 -2.47 5.95 9.52
CA THR A 259 -1.17 6.63 9.58
C THR A 259 -1.24 7.79 8.65
N VAL A 260 -1.26 8.99 9.22
CA VAL A 260 -1.43 10.22 8.45
C VAL A 260 -0.05 10.74 8.05
N PRO A 261 0.26 10.76 6.74
CA PRO A 261 1.51 11.34 6.32
C PRO A 261 1.45 12.87 6.33
N VAL A 262 2.51 13.51 6.80
CA VAL A 262 2.55 14.96 6.90
C VAL A 262 3.91 15.34 6.34
N ASN A 263 4.00 15.32 5.02
CA ASN A 263 5.26 15.36 4.28
C ASN A 263 5.32 16.29 3.07
N GLY A 264 4.35 17.17 2.90
CA GLY A 264 4.37 18.15 1.81
C GLY A 264 4.24 17.55 0.42
N GLY A 265 3.87 16.27 0.37
CA GLY A 265 3.77 15.55 -0.89
C GLY A 265 4.95 14.67 -1.26
N MET A 266 5.95 14.61 -0.39
CA MET A 266 7.10 13.74 -0.57
C MET A 266 6.83 12.37 0.06
N TYR A 267 6.67 11.35 -0.77
CA TYR A 267 6.42 9.99 -0.24
C TYR A 267 7.60 9.04 -0.55
N MET A 268 8.15 8.45 0.52
CA MET A 268 9.28 7.56 0.42
C MET A 268 8.89 6.21 1.03
N SER A 269 8.99 5.12 0.25
CA SER A 269 8.71 3.77 0.76
C SER A 269 9.74 2.74 0.28
N SER B 22 15.17 -22.94 -18.78
CA SER B 22 16.44 -22.51 -18.08
C SER B 22 16.20 -22.10 -16.60
N MET B 23 15.39 -22.93 -15.95
CA MET B 23 14.93 -22.81 -14.54
C MET B 23 15.84 -23.61 -13.58
N SER B 24 17.00 -24.05 -14.03
CA SER B 24 17.76 -25.05 -13.29
C SER B 24 18.36 -24.55 -12.00
N LEU B 25 18.34 -25.40 -10.98
CA LEU B 25 19.09 -25.17 -9.76
C LEU B 25 20.15 -26.25 -9.48
N GLN B 26 20.61 -26.94 -10.52
CA GLN B 26 21.69 -27.91 -10.36
C GLN B 26 22.87 -27.23 -9.71
N GLY B 27 23.52 -27.92 -8.79
CA GLY B 27 24.72 -27.41 -8.16
C GLY B 27 24.47 -26.47 -6.99
N LYS B 28 23.21 -26.08 -6.76
CA LYS B 28 22.88 -25.23 -5.63
C LYS B 28 22.34 -26.03 -4.47
N VAL B 29 22.68 -25.58 -3.27
CA VAL B 29 22.18 -26.16 -2.04
C VAL B 29 21.10 -25.25 -1.49
N ALA B 30 19.92 -25.83 -1.23
CA ALA B 30 18.80 -25.08 -0.70
C ALA B 30 18.40 -25.58 0.68
N LEU B 31 18.02 -24.64 1.54
CA LEU B 31 17.61 -24.94 2.90
C LEU B 31 16.19 -24.48 3.06
N VAL B 32 15.31 -25.40 3.40
CA VAL B 32 13.89 -25.09 3.55
C VAL B 32 13.48 -25.44 4.98
N THR B 33 13.15 -24.44 5.78
CA THR B 33 12.73 -24.67 7.15
C THR B 33 11.28 -25.06 7.19
N GLY B 34 10.94 -25.93 8.12
CA GLY B 34 9.56 -26.38 8.31
C GLY B 34 9.10 -27.14 7.09
N ALA B 35 9.81 -28.22 6.74
CA ALA B 35 9.58 -28.98 5.49
C ALA B 35 8.86 -30.32 5.65
N SER B 36 8.40 -30.65 6.85
CA SER B 36 7.84 -31.98 7.07
C SER B 36 6.43 -32.18 6.50
N ARG B 37 5.74 -31.08 6.23
CA ARG B 37 4.38 -31.19 5.76
C ARG B 37 4.00 -29.96 5.00
N GLY B 38 2.84 -30.05 4.36
CA GLY B 38 2.21 -28.93 3.73
C GLY B 38 3.10 -28.13 2.80
N ILE B 39 3.11 -26.82 3.00
CA ILE B 39 3.75 -25.89 2.11
C ILE B 39 5.25 -26.16 2.03
N GLY B 40 5.88 -26.24 3.19
CA GLY B 40 7.31 -26.47 3.25
C GLY B 40 7.70 -27.74 2.51
N GLN B 41 6.92 -28.80 2.68
CA GLN B 41 7.22 -30.04 2.00
C GLN B 41 7.15 -29.83 0.49
N ALA B 42 6.08 -29.21 0.07
CA ALA B 42 5.88 -28.93 -1.34
C ALA B 42 7.04 -28.08 -1.89
N ILE B 43 7.54 -27.15 -1.08
CA ILE B 43 8.66 -26.31 -1.50
C ILE B 43 9.93 -27.12 -1.66
N ALA B 44 10.20 -28.00 -0.70
CA ALA B 44 11.37 -28.85 -0.77
C ALA B 44 11.38 -29.72 -2.02
N LEU B 45 10.23 -30.32 -2.37
CA LEU B 45 10.14 -31.17 -3.58
C LEU B 45 10.24 -30.38 -4.86
N GLU B 46 9.73 -29.15 -4.84
CA GLU B 46 9.82 -28.31 -6.03
C GLU B 46 11.28 -27.90 -6.28
N LEU B 47 11.99 -27.46 -5.24
CA LEU B 47 13.39 -27.07 -5.43
C LEU B 47 14.22 -28.29 -5.78
N GLY B 48 13.83 -29.45 -5.26
CA GLY B 48 14.44 -30.71 -5.69
C GLY B 48 14.18 -31.00 -7.15
N ARG B 49 12.92 -30.89 -7.57
CA ARG B 49 12.55 -31.08 -8.95
C ARG B 49 13.40 -30.19 -9.87
N LEU B 50 13.78 -28.99 -9.40
CA LEU B 50 14.57 -28.07 -10.22
C LEU B 50 16.08 -28.33 -10.16
N GLY B 51 16.49 -29.38 -9.43
CA GLY B 51 17.87 -29.83 -9.42
C GLY B 51 18.69 -29.39 -8.22
N ALA B 52 18.05 -28.79 -7.23
CA ALA B 52 18.78 -28.34 -6.06
C ALA B 52 19.07 -29.51 -5.14
N VAL B 53 20.17 -29.45 -4.41
CA VAL B 53 20.38 -30.33 -3.27
C VAL B 53 19.63 -29.72 -2.10
N VAL B 54 18.72 -30.46 -1.51
CA VAL B 54 17.77 -29.88 -0.55
C VAL B 54 17.91 -30.37 0.86
N ILE B 55 18.17 -29.45 1.77
CA ILE B 55 18.08 -29.72 3.19
C ILE B 55 16.78 -29.14 3.69
N GLY B 56 15.87 -30.01 4.13
CA GLY B 56 14.65 -29.59 4.78
C GLY B 56 14.82 -29.72 6.28
N THR B 57 14.09 -28.93 7.05
CA THR B 57 14.17 -29.01 8.53
C THR B 57 12.80 -29.08 9.26
N ALA B 58 12.86 -29.62 10.47
CA ALA B 58 11.72 -29.72 11.35
C ALA B 58 12.27 -29.61 12.74
N THR B 59 11.37 -29.45 13.69
CA THR B 59 11.78 -29.20 15.06
C THR B 59 12.05 -30.50 15.84
N SER B 60 11.60 -31.63 15.29
CA SER B 60 11.69 -32.93 15.95
C SER B 60 12.45 -33.93 15.12
N ALA B 61 12.93 -34.99 15.77
CA ALA B 61 13.67 -36.04 15.09
C ALA B 61 12.77 -36.81 14.13
N SER B 62 11.56 -37.14 14.54
CA SER B 62 10.64 -37.87 13.66
C SER B 62 10.21 -37.04 12.45
N GLY B 63 10.13 -35.71 12.62
CA GLY B 63 9.91 -34.80 11.50
C GLY B 63 11.06 -34.82 10.50
N ALA B 64 12.27 -34.76 11.02
CA ALA B 64 13.47 -34.78 10.19
C ALA B 64 13.61 -36.09 9.45
N GLU B 65 13.33 -37.19 10.14
CA GLU B 65 13.34 -38.49 9.49
C GLU B 65 12.36 -38.48 8.35
N LYS B 66 11.15 -38.01 8.60
CA LYS B 66 10.12 -38.01 7.57
C LYS B 66 10.53 -37.24 6.34
N ILE B 67 11.17 -36.09 6.56
CA ILE B 67 11.68 -35.27 5.47
C ILE B 67 12.63 -36.07 4.60
N ALA B 68 13.53 -36.82 5.24
CA ALA B 68 14.50 -37.64 4.52
C ALA B 68 13.84 -38.74 3.67
N GLU B 69 12.80 -39.38 4.20
CA GLU B 69 12.10 -40.45 3.48
C GLU B 69 11.53 -39.84 2.19
N THR B 70 10.80 -38.75 2.38
CA THR B 70 10.15 -38.04 1.28
C THR B 70 11.15 -37.66 0.17
N LEU B 71 12.32 -37.17 0.56
CA LEU B 71 13.34 -36.83 -0.43
C LEU B 71 13.81 -38.05 -1.23
N LYS B 72 14.26 -39.09 -0.55
CA LYS B 72 14.70 -40.32 -1.22
C LYS B 72 13.55 -40.84 -2.05
N ALA B 73 12.35 -40.86 -1.46
CA ALA B 73 11.16 -41.38 -2.15
C ALA B 73 10.88 -40.63 -3.45
N ASN B 74 11.30 -39.36 -3.55
CA ASN B 74 11.16 -38.58 -4.78
C ASN B 74 12.47 -38.29 -5.48
N GLY B 75 13.50 -39.08 -5.17
CA GLY B 75 14.78 -38.98 -5.85
C GLY B 75 15.50 -37.65 -5.70
N VAL B 76 15.34 -37.00 -4.55
CA VAL B 76 15.96 -35.71 -4.31
C VAL B 76 17.15 -35.88 -3.42
N GLU B 77 18.28 -35.38 -3.86
CA GLU B 77 19.48 -35.46 -3.03
C GLU B 77 19.41 -34.39 -1.98
N GLY B 78 19.63 -34.77 -0.72
CA GLY B 78 19.58 -33.79 0.36
C GLY B 78 19.64 -34.39 1.74
N ALA B 79 18.91 -33.79 2.68
CA ALA B 79 18.83 -34.30 4.06
C ALA B 79 17.69 -33.69 4.88
N GLY B 80 17.33 -34.37 5.96
CA GLY B 80 16.41 -33.83 6.96
C GLY B 80 17.20 -33.56 8.23
N LEU B 81 17.08 -32.34 8.74
CA LEU B 81 17.79 -31.97 9.97
C LEU B 81 16.82 -31.43 11.01
N VAL B 82 17.25 -31.51 12.26
CA VAL B 82 16.49 -30.92 13.35
C VAL B 82 17.01 -29.51 13.49
N LEU B 83 16.08 -28.55 13.46
CA LEU B 83 16.42 -27.14 13.58
C LEU B 83 15.31 -26.38 14.30
N ASP B 84 15.71 -25.60 15.30
CA ASP B 84 14.83 -24.66 15.98
C ASP B 84 15.30 -23.23 15.68
N VAL B 85 14.59 -22.55 14.78
CA VAL B 85 15.04 -21.22 14.32
C VAL B 85 14.97 -20.14 15.41
N SER B 86 14.40 -20.47 16.57
CA SER B 86 14.29 -19.50 17.66
C SER B 86 15.55 -19.43 18.50
N SER B 87 16.51 -20.32 18.25
CA SER B 87 17.68 -20.49 19.10
C SER B 87 18.96 -20.31 18.31
N ASP B 88 19.85 -19.46 18.82
CA ASP B 88 21.10 -19.15 18.16
C ASP B 88 21.98 -20.36 18.02
N GLU B 89 22.01 -21.16 19.08
CA GLU B 89 22.83 -22.35 19.11
CA GLU B 89 22.82 -22.37 19.11
C GLU B 89 22.39 -23.34 18.04
N SER B 90 21.09 -23.60 18.00
CA SER B 90 20.55 -24.52 17.00
C SER B 90 21.00 -24.09 15.61
N VAL B 91 20.78 -22.81 15.29
CA VAL B 91 21.06 -22.26 13.96
C VAL B 91 22.52 -22.39 13.61
N ALA B 92 23.39 -21.96 14.52
CA ALA B 92 24.84 -21.97 14.29
C ALA B 92 25.33 -23.39 14.05
N ALA B 93 24.89 -24.31 14.91
CA ALA B 93 25.31 -25.69 14.82
C ALA B 93 24.79 -26.32 13.54
N THR B 94 23.50 -26.13 13.28
CA THR B 94 22.88 -26.69 12.08
C THR B 94 23.61 -26.26 10.83
N LEU B 95 23.87 -24.97 10.70
CA LEU B 95 24.52 -24.44 9.51
CA LEU B 95 24.52 -24.46 9.51
C LEU B 95 25.92 -25.03 9.37
N GLU B 96 26.60 -25.21 10.49
CA GLU B 96 27.93 -25.84 10.51
C GLU B 96 27.83 -27.24 9.93
N HIS B 97 26.92 -28.05 10.47
CA HIS B 97 26.70 -29.41 9.98
C HIS B 97 26.52 -29.41 8.45
N ILE B 98 25.73 -28.46 7.94
CA ILE B 98 25.47 -28.38 6.50
C ILE B 98 26.75 -28.02 5.74
N GLN B 99 27.50 -27.04 6.25
CA GLN B 99 28.74 -26.61 5.60
C GLN B 99 29.76 -27.72 5.55
N GLN B 100 29.94 -28.40 6.67
CA GLN B 100 30.89 -29.49 6.74
C GLN B 100 30.50 -30.69 5.87
N HIS B 101 29.20 -30.96 5.74
CA HIS B 101 28.75 -32.13 5.00
C HIS B 101 28.33 -31.85 3.52
N LEU B 102 27.42 -30.92 3.28
CA LEU B 102 26.84 -30.74 1.93
C LEU B 102 27.24 -29.47 1.15
N GLY B 103 27.86 -28.51 1.82
CA GLY B 103 28.29 -27.27 1.17
C GLY B 103 27.51 -26.09 1.72
N GLN B 104 27.65 -24.91 1.08
CA GLN B 104 27.00 -23.69 1.58
C GLN B 104 25.60 -23.51 0.95
N PRO B 105 24.57 -23.33 1.78
CA PRO B 105 23.22 -23.09 1.30
C PRO B 105 23.02 -21.69 0.68
N LEU B 106 22.81 -21.61 -0.62
CA LEU B 106 22.66 -20.35 -1.31
C LEU B 106 21.22 -20.01 -1.59
N ILE B 107 20.34 -20.98 -1.48
CA ILE B 107 18.91 -20.73 -1.51
C ILE B 107 18.39 -21.04 -0.12
N VAL B 108 17.67 -20.10 0.48
CA VAL B 108 17.15 -20.29 1.84
C VAL B 108 15.71 -19.81 1.92
N VAL B 109 14.83 -20.73 2.30
CA VAL B 109 13.42 -20.48 2.36
C VAL B 109 12.97 -20.63 3.81
N ASN B 110 12.62 -19.53 4.44
CA ASN B 110 12.10 -19.53 5.80
C ASN B 110 10.63 -19.78 5.76
N ASN B 111 10.23 -20.96 6.15
CA ASN B 111 8.81 -21.32 6.21
C ASN B 111 8.38 -21.79 7.61
N ALA B 112 9.36 -22.09 8.46
CA ALA B 112 9.06 -22.45 9.84
C ALA B 112 8.64 -21.19 10.58
N GLY B 113 7.32 -21.01 10.65
CA GLY B 113 6.70 -20.02 11.55
C GLY B 113 6.71 -20.52 12.99
N ILE B 114 5.98 -19.83 13.85
CA ILE B 114 5.99 -20.10 15.30
C ILE B 114 4.64 -19.73 15.90
N ASP B 126 -2.39 -8.80 22.68
CA ASP B 126 -0.99 -9.05 23.08
C ASP B 126 -0.36 -10.27 22.36
N GLU B 127 -1.20 -11.10 21.75
CA GLU B 127 -0.78 -12.27 20.99
C GLU B 127 -0.26 -11.83 19.62
N TRP B 128 -0.90 -10.89 18.93
CA TRP B 128 -0.38 -10.43 17.63
C TRP B 128 1.05 -9.93 17.75
N PHE B 129 1.31 -9.13 18.76
CA PHE B 129 2.59 -8.49 18.84
C PHE B 129 3.69 -9.55 18.96
N ASP B 130 3.58 -10.38 19.98
CA ASP B 130 4.58 -11.44 20.27
C ASP B 130 4.79 -12.40 19.10
N VAL B 131 3.71 -12.82 18.45
CA VAL B 131 3.83 -13.67 17.27
C VAL B 131 4.76 -12.99 16.27
N VAL B 132 4.41 -11.78 15.88
CA VAL B 132 5.16 -11.12 14.81
C VAL B 132 6.60 -10.81 15.27
N ASN B 133 6.74 -10.29 16.48
CA ASN B 133 8.07 -9.99 17.00
C ASN B 133 8.97 -11.24 17.03
N THR B 134 8.41 -12.37 17.46
CA THR B 134 9.15 -13.61 17.50
C THR B 134 9.48 -14.12 16.08
N ASN B 135 8.50 -14.14 15.18
CA ASN B 135 8.79 -14.58 13.82
C ASN B 135 9.95 -13.78 13.22
N LEU B 136 9.82 -12.45 13.22
CA LEU B 136 10.81 -11.59 12.56
C LEU B 136 12.20 -11.68 13.19
N ASN B 137 12.27 -11.94 14.48
CA ASN B 137 13.53 -12.22 15.13
C ASN B 137 14.15 -13.52 14.64
N SER B 138 13.31 -14.52 14.34
CA SER B 138 13.77 -15.77 13.73
C SER B 138 14.25 -15.57 12.29
N LEU B 139 13.51 -14.81 11.49
CA LEU B 139 13.95 -14.54 10.13
C LEU B 139 15.30 -13.87 10.15
N TYR B 140 15.47 -12.91 11.04
CA TYR B 140 16.68 -12.10 11.04
C TYR B 140 17.87 -12.95 11.53
N ARG B 141 17.67 -13.69 12.61
CA ARG B 141 18.64 -14.69 13.07
C ARG B 141 19.16 -15.57 11.92
N LEU B 142 18.27 -16.31 11.30
CA LEU B 142 18.65 -17.26 10.27
C LEU B 142 19.25 -16.57 9.06
N SER B 143 18.62 -15.50 8.63
CA SER B 143 19.07 -14.78 7.46
C SER B 143 20.51 -14.30 7.65
N LYS B 144 20.79 -13.66 8.76
CA LYS B 144 22.13 -13.18 9.03
C LYS B 144 23.15 -14.32 9.04
N ALA B 145 22.72 -15.50 9.50
CA ALA B 145 23.64 -16.62 9.60
C ALA B 145 24.00 -17.20 8.23
N VAL B 146 23.05 -17.20 7.29
CA VAL B 146 23.31 -17.78 5.98
C VAL B 146 23.95 -16.79 5.07
N LEU B 147 23.96 -15.54 5.50
CA LEU B 147 24.40 -14.46 4.62
C LEU B 147 25.89 -14.50 4.36
N ARG B 148 26.66 -14.99 5.33
CA ARG B 148 28.09 -15.09 5.12
C ARG B 148 28.40 -15.95 3.92
N GLY B 149 27.69 -17.06 3.81
CA GLY B 149 27.89 -17.98 2.70
C GLY B 149 27.55 -17.36 1.36
N MET B 150 26.44 -16.64 1.31
CA MET B 150 25.99 -16.02 0.05
C MET B 150 26.92 -14.89 -0.40
N THR B 151 27.34 -14.08 0.57
CA THR B 151 28.30 -13.03 0.34
C THR B 151 29.54 -13.59 -0.34
N LYS B 152 30.06 -14.69 0.20
CA LYS B 152 31.26 -15.34 -0.34
C LYS B 152 31.09 -15.82 -1.77
N ALA B 153 29.89 -16.29 -2.09
CA ALA B 153 29.60 -16.80 -3.43
C ALA B 153 29.11 -15.72 -4.37
N ARG B 154 28.86 -14.51 -3.84
CA ARG B 154 28.33 -13.40 -4.63
C ARG B 154 27.07 -13.77 -5.40
N TRP B 155 26.19 -14.50 -4.73
CA TRP B 155 24.88 -14.90 -5.27
C TRP B 155 24.05 -15.50 -4.14
N GLY B 156 22.74 -15.30 -4.18
CA GLY B 156 21.88 -15.87 -3.14
C GLY B 156 20.41 -15.54 -3.27
N ARG B 157 19.59 -16.44 -2.72
CA ARG B 157 18.15 -16.27 -2.69
C ARG B 157 17.63 -16.52 -1.30
N ILE B 158 16.94 -15.53 -0.74
CA ILE B 158 16.26 -15.71 0.50
C ILE B 158 14.80 -15.47 0.26
N ILE B 159 14.00 -16.44 0.63
CA ILE B 159 12.56 -16.37 0.40
C ILE B 159 11.79 -16.67 1.67
N ASN B 160 10.90 -15.74 2.05
CA ASN B 160 10.18 -15.83 3.34
C ASN B 160 8.71 -16.15 3.13
N ILE B 161 8.23 -17.25 3.67
CA ILE B 161 6.85 -17.65 3.47
C ILE B 161 6.02 -17.08 4.59
N GLY B 162 4.96 -16.38 4.24
CA GLY B 162 4.07 -15.78 5.23
C GLY B 162 3.18 -16.81 5.89
N SER B 163 2.46 -16.36 6.92
CA SER B 163 1.39 -17.13 7.60
C SER B 163 0.19 -17.36 6.67
N VAL B 164 -0.41 -18.54 6.81
CA VAL B 164 -1.59 -18.97 6.04
C VAL B 164 -2.93 -18.69 6.78
N ALA B 171 -10.24 -12.26 15.92
CA ALA B 171 -8.87 -12.71 16.11
C ALA B 171 -8.03 -12.66 14.83
N GLY B 172 -8.52 -13.33 13.80
CA GLY B 172 -7.70 -13.77 12.71
C GLY B 172 -7.22 -12.75 11.70
N GLN B 173 -7.95 -11.66 11.53
CA GLN B 173 -7.52 -10.63 10.59
C GLN B 173 -6.38 -9.78 11.15
N THR B 174 -6.52 -9.35 12.41
CA THR B 174 -5.49 -8.58 13.10
C THR B 174 -4.13 -9.25 12.98
N ASN B 175 -4.10 -10.54 13.28
CA ASN B 175 -2.88 -11.32 13.28
C ASN B 175 -2.31 -11.51 11.86
N TYR B 176 -3.18 -11.70 10.87
CA TYR B 176 -2.73 -11.90 9.48
C TYR B 176 -2.25 -10.60 8.84
N ALA B 177 -3.00 -9.52 9.04
CA ALA B 177 -2.63 -8.21 8.53
C ALA B 177 -1.30 -7.73 9.12
N ALA B 178 -1.12 -7.99 10.42
CA ALA B 178 0.08 -7.60 11.14
C ALA B 178 1.28 -8.40 10.68
N ALA B 179 1.11 -9.72 10.60
CA ALA B 179 2.19 -10.60 10.16
C ALA B 179 2.61 -10.21 8.75
N LYS B 180 1.64 -9.88 7.92
CA LYS B 180 1.91 -9.51 6.55
C LYS B 180 2.68 -8.20 6.47
N ALA B 181 2.22 -7.18 7.19
CA ALA B 181 2.90 -5.89 7.16
C ALA B 181 4.34 -6.02 7.65
N GLY B 182 4.55 -6.89 8.62
CA GLY B 182 5.86 -7.09 9.18
C GLY B 182 6.80 -7.81 8.23
N LEU B 183 6.30 -8.87 7.63
CA LEU B 183 7.00 -9.62 6.60
C LEU B 183 7.43 -8.72 5.43
N GLU B 184 6.56 -7.80 5.03
CA GLU B 184 6.77 -6.99 3.82
C GLU B 184 7.82 -5.95 4.01
N GLY B 185 7.72 -5.21 5.11
CA GLY B 185 8.71 -4.19 5.45
C GLY B 185 10.07 -4.81 5.77
N PHE B 186 10.05 -5.98 6.43
CA PHE B 186 11.27 -6.69 6.76
C PHE B 186 11.96 -7.13 5.49
N THR B 187 11.20 -7.76 4.60
CA THR B 187 11.72 -8.32 3.38
C THR B 187 12.31 -7.21 2.53
N ARG B 188 11.59 -6.13 2.42
CA ARG B 188 12.05 -4.99 1.69
C ARG B 188 13.36 -4.40 2.27
N ALA B 189 13.37 -4.15 3.57
CA ALA B 189 14.55 -3.60 4.22
C ALA B 189 15.81 -4.50 4.06
N LEU B 190 15.63 -5.81 4.23
CA LEU B 190 16.75 -6.71 4.13
C LEU B 190 17.27 -6.75 2.67
N ALA B 191 16.35 -6.73 1.71
CA ALA B 191 16.72 -6.70 0.29
C ALA B 191 17.65 -5.53 -0.02
N ARG B 192 17.29 -4.36 0.48
CA ARG B 192 18.11 -3.16 0.32
C ARG B 192 19.48 -3.28 0.94
N GLU B 193 19.56 -3.97 2.06
CA GLU B 193 20.82 -4.13 2.75
C GLU B 193 21.80 -5.06 2.03
N VAL B 194 21.30 -6.12 1.41
CA VAL B 194 22.18 -7.16 0.88
C VAL B 194 22.24 -7.15 -0.63
N GLY B 195 21.41 -6.30 -1.23
CA GLY B 195 21.31 -6.20 -2.69
C GLY B 195 22.61 -6.08 -3.46
N SER B 196 23.50 -5.19 -3.01
CA SER B 196 24.76 -4.99 -3.72
C SER B 196 25.58 -6.28 -3.93
N ARG B 197 25.25 -7.36 -3.24
CA ARG B 197 25.99 -8.60 -3.39
C ARG B 197 25.30 -9.62 -4.24
N ALA B 198 24.32 -9.19 -5.01
CA ALA B 198 23.58 -10.06 -5.91
C ALA B 198 22.83 -11.13 -5.12
N ILE B 199 22.26 -10.71 -4.00
CA ILE B 199 21.40 -11.55 -3.22
C ILE B 199 20.01 -10.95 -3.23
N THR B 200 19.06 -11.65 -3.82
CA THR B 200 17.65 -11.25 -3.70
C THR B 200 17.03 -11.78 -2.41
N VAL B 201 16.08 -11.00 -1.90
CA VAL B 201 15.32 -11.30 -0.73
C VAL B 201 13.86 -11.00 -1.02
N ASN B 202 13.00 -12.02 -0.96
CA ASN B 202 11.60 -11.89 -1.31
C ASN B 202 10.68 -12.67 -0.40
N ALA B 203 9.41 -12.34 -0.46
CA ALA B 203 8.46 -13.02 0.39
C ALA B 203 7.28 -13.53 -0.46
N VAL B 204 6.57 -14.51 0.07
CA VAL B 204 5.38 -15.06 -0.55
C VAL B 204 4.30 -15.07 0.49
N ALA B 205 3.17 -14.44 0.20
CA ALA B 205 2.10 -14.25 1.15
C ALA B 205 0.90 -15.12 0.77
N PRO B 206 0.87 -16.38 1.23
CA PRO B 206 -0.21 -17.26 0.85
C PRO B 206 -1.53 -16.80 1.42
N GLY B 207 -2.58 -17.01 0.63
CA GLY B 207 -3.93 -16.77 1.08
C GLY B 207 -4.45 -18.04 1.76
N PHE B 208 -5.59 -18.53 1.28
CA PHE B 208 -6.16 -19.76 1.82
CA PHE B 208 -6.17 -19.73 1.81
C PHE B 208 -5.73 -20.97 1.05
N ILE B 209 -4.88 -21.76 1.70
CA ILE B 209 -4.24 -22.90 1.09
C ILE B 209 -4.82 -24.18 1.64
N ASP B 210 -4.94 -25.20 0.79
CA ASP B 210 -5.35 -26.53 1.24
C ASP B 210 -4.23 -27.20 2.08
N THR B 211 -4.39 -27.22 3.41
CA THR B 211 -3.43 -27.78 4.41
C THR B 211 -4.13 -28.46 5.61
N ASP B 212 -3.36 -29.10 6.49
CA ASP B 212 -3.95 -29.84 7.63
C ASP B 212 -4.82 -29.00 8.56
N MET B 213 -4.56 -27.70 8.65
CA MET B 213 -5.45 -26.81 9.40
C MET B 213 -6.80 -26.62 8.69
N THR B 214 -6.78 -26.30 7.39
CA THR B 214 -8.01 -25.91 6.66
C THR B 214 -9.01 -27.03 6.45
N ARG B 215 -8.52 -28.27 6.47
CA ARG B 215 -9.33 -29.44 6.22
C ARG B 215 -10.28 -29.69 7.39
N GLU B 216 -10.17 -28.92 8.48
CA GLU B 216 -10.98 -29.11 9.71
C GLU B 216 -12.23 -28.20 9.82
N LEU B 217 -12.43 -27.25 8.90
CA LEU B 217 -13.54 -26.28 9.02
C LEU B 217 -14.97 -26.70 8.57
N PRO B 218 -16.01 -26.32 9.33
CA PRO B 218 -17.40 -26.67 8.98
C PRO B 218 -17.86 -26.08 7.66
N GLU B 219 -18.54 -26.87 6.85
CA GLU B 219 -18.82 -26.53 5.45
C GLU B 219 -19.31 -25.09 5.22
N ALA B 220 -20.25 -24.64 6.03
CA ALA B 220 -20.75 -23.25 5.93
C ALA B 220 -19.63 -22.21 6.09
N GLN B 221 -18.71 -22.48 7.01
CA GLN B 221 -17.59 -21.60 7.23
C GLN B 221 -16.56 -21.63 6.08
N ARG B 222 -16.27 -22.82 5.55
CA ARG B 222 -15.32 -22.91 4.43
C ARG B 222 -15.94 -22.29 3.16
N GLU B 223 -17.22 -22.54 2.90
CA GLU B 223 -17.90 -22.00 1.73
C GLU B 223 -18.01 -20.49 1.75
N ALA B 224 -18.24 -19.93 2.93
CA ALA B 224 -18.23 -18.48 3.12
C ALA B 224 -16.83 -17.92 2.84
N LEU B 225 -15.81 -18.73 3.08
CA LEU B 225 -14.44 -18.37 2.76
C LEU B 225 -14.15 -18.48 1.25
N LEU B 226 -14.58 -19.57 0.62
CA LEU B 226 -14.56 -19.70 -0.85
C LEU B 226 -15.29 -18.56 -1.52
N GLY B 227 -16.37 -18.07 -0.91
CA GLY B 227 -17.16 -16.98 -1.47
C GLY B 227 -16.42 -15.65 -1.50
N GLN B 228 -15.35 -15.56 -0.70
CA GLN B 228 -14.47 -14.38 -0.67
C GLN B 228 -13.32 -14.50 -1.65
N ILE B 229 -13.13 -15.68 -2.25
CA ILE B 229 -12.00 -15.92 -3.11
C ILE B 229 -12.49 -15.98 -4.56
N PRO B 230 -12.16 -14.97 -5.37
CA PRO B 230 -12.62 -14.89 -6.75
C PRO B 230 -12.41 -16.17 -7.55
N LEU B 231 -11.25 -16.82 -7.40
CA LEU B 231 -11.02 -18.12 -8.04
C LEU B 231 -11.95 -19.22 -7.54
N GLY B 232 -12.63 -19.00 -6.42
CA GLY B 232 -13.66 -19.94 -5.91
C GLY B 232 -13.13 -21.25 -5.35
N ARG B 233 -11.84 -21.28 -5.00
CA ARG B 233 -11.23 -22.49 -4.48
C ARG B 233 -10.07 -22.16 -3.56
N LEU B 234 -9.68 -23.17 -2.79
CA LEU B 234 -8.47 -23.10 -1.97
C LEU B 234 -7.29 -23.27 -2.88
N GLY B 235 -6.18 -22.64 -2.55
CA GLY B 235 -4.95 -22.83 -3.31
C GLY B 235 -4.27 -24.10 -2.86
N GLN B 236 -3.46 -24.68 -3.75
CA GLN B 236 -2.69 -25.88 -3.42
C GLN B 236 -1.31 -25.49 -2.92
N ALA B 237 -0.73 -26.35 -2.08
CA ALA B 237 0.62 -26.14 -1.59
C ALA B 237 1.59 -26.01 -2.76
N GLU B 238 1.43 -26.86 -3.77
CA GLU B 238 2.28 -26.82 -4.97
C GLU B 238 2.28 -25.44 -5.61
N GLU B 239 1.15 -24.75 -5.52
CA GLU B 239 0.99 -23.47 -6.18
C GLU B 239 1.77 -22.38 -5.46
N ILE B 240 2.00 -22.57 -4.17
CA ILE B 240 2.92 -21.69 -3.45
C ILE B 240 4.33 -22.05 -3.86
N ALA B 241 4.59 -23.33 -3.97
CA ALA B 241 5.93 -23.84 -4.24
C ALA B 241 6.44 -23.42 -5.60
N LYS B 242 5.57 -23.33 -6.60
CA LYS B 242 6.03 -22.91 -7.92
C LYS B 242 6.54 -21.48 -7.87
N VAL B 243 5.91 -20.64 -7.05
CA VAL B 243 6.30 -19.24 -6.96
C VAL B 243 7.67 -19.17 -6.32
N VAL B 244 7.85 -19.92 -5.25
CA VAL B 244 9.14 -20.01 -4.60
C VAL B 244 10.16 -20.54 -5.61
N GLY B 245 9.77 -21.56 -6.37
CA GLY B 245 10.65 -22.14 -7.37
C GLY B 245 11.12 -21.11 -8.38
N PHE B 246 10.19 -20.28 -8.85
CA PHE B 246 10.53 -19.23 -9.74
C PHE B 246 11.44 -18.17 -9.11
N LEU B 247 11.10 -17.72 -7.89
CA LEU B 247 11.89 -16.67 -7.23
C LEU B 247 13.34 -17.12 -7.01
N ALA B 248 13.55 -18.42 -6.83
CA ALA B 248 14.87 -18.99 -6.63
C ALA B 248 15.73 -19.03 -7.90
N SER B 249 15.10 -18.89 -9.06
CA SER B 249 15.78 -19.03 -10.33
C SER B 249 16.59 -17.80 -10.70
N ASP B 250 17.47 -17.96 -11.68
CA ASP B 250 18.25 -16.83 -12.17
C ASP B 250 17.37 -15.84 -12.91
N GLY B 251 16.29 -16.34 -13.49
CA GLY B 251 15.32 -15.50 -14.18
C GLY B 251 14.71 -14.43 -13.29
N ALA B 252 14.58 -14.71 -12.00
CA ALA B 252 14.02 -13.75 -11.04
C ALA B 252 15.08 -12.85 -10.41
N ALA B 253 16.23 -12.72 -11.06
CA ALA B 253 17.34 -11.98 -10.47
C ALA B 253 17.05 -10.50 -10.18
N TYR B 254 16.18 -9.87 -10.97
CA TYR B 254 15.89 -8.45 -10.76
C TYR B 254 14.69 -8.23 -9.82
N VAL B 255 14.13 -9.31 -9.28
CA VAL B 255 13.06 -9.21 -8.31
C VAL B 255 13.67 -9.27 -6.92
N THR B 256 13.57 -8.21 -6.16
CA THR B 256 14.04 -8.23 -4.78
C THR B 256 13.23 -7.23 -3.92
N GLY B 257 13.05 -7.58 -2.65
CA GLY B 257 12.25 -6.77 -1.71
C GLY B 257 10.76 -6.82 -2.00
N ALA B 258 10.35 -7.82 -2.76
CA ALA B 258 9.00 -7.92 -3.20
C ALA B 258 8.30 -8.97 -2.36
N THR B 259 7.00 -8.76 -2.14
CA THR B 259 6.12 -9.75 -1.47
C THR B 259 5.00 -10.17 -2.42
N VAL B 260 5.08 -11.41 -2.92
CA VAL B 260 4.17 -11.90 -3.93
C VAL B 260 2.98 -12.51 -3.23
N PRO B 261 1.78 -11.90 -3.38
CA PRO B 261 0.58 -12.54 -2.85
C PRO B 261 0.14 -13.72 -3.72
N VAL B 262 -0.23 -14.83 -3.09
CA VAL B 262 -0.67 -16.01 -3.79
C VAL B 262 -1.94 -16.47 -3.12
N ASN B 263 -3.03 -15.78 -3.47
CA ASN B 263 -4.30 -15.84 -2.68
C ASN B 263 -5.59 -15.96 -3.46
N GLY B 264 -5.50 -16.27 -4.74
CA GLY B 264 -6.69 -16.46 -5.57
C GLY B 264 -7.54 -15.21 -5.74
N GLY B 265 -6.98 -14.05 -5.40
CA GLY B 265 -7.66 -12.77 -5.56
C GLY B 265 -8.29 -12.25 -4.30
N MET B 266 -8.11 -12.97 -3.21
CA MET B 266 -8.58 -12.53 -1.90
C MET B 266 -7.51 -11.71 -1.19
N TYR B 267 -7.76 -10.42 -1.03
CA TYR B 267 -6.80 -9.54 -0.35
C TYR B 267 -7.39 -8.99 0.96
N MET B 268 -6.68 -9.25 2.05
CA MET B 268 -7.07 -8.82 3.37
C MET B 268 -5.92 -8.04 3.97
N SER B 269 -6.17 -6.78 4.34
CA SER B 269 -5.11 -5.92 4.87
C SER B 269 -5.67 -5.09 6.03
N HIS C 6 -0.10 -7.96 -41.60
CA HIS C 6 -0.47 -9.39 -41.30
C HIS C 6 0.57 -10.39 -41.89
N HIS C 7 1.73 -10.56 -41.24
CA HIS C 7 2.77 -11.53 -41.70
C HIS C 7 3.08 -12.65 -40.68
N SER C 8 2.97 -13.91 -41.11
CA SER C 8 3.11 -15.10 -40.23
C SER C 8 4.57 -15.49 -39.94
N ASN C 17 12.78 -32.13 -35.78
CA ASN C 17 11.72 -31.77 -34.82
C ASN C 17 12.28 -31.68 -33.39
N LEU C 18 12.69 -30.48 -32.99
CA LEU C 18 13.26 -30.28 -31.65
C LEU C 18 12.17 -30.04 -30.61
N TYR C 19 12.14 -30.88 -29.58
CA TYR C 19 11.23 -30.70 -28.45
C TYR C 19 12.00 -30.18 -27.25
N PHE C 20 12.11 -28.86 -27.12
CA PHE C 20 12.74 -28.28 -25.94
C PHE C 20 11.88 -28.57 -24.72
N GLN C 21 12.56 -28.76 -23.60
CA GLN C 21 11.92 -29.07 -22.31
C GLN C 21 11.15 -27.88 -21.72
N SER C 22 11.61 -26.66 -22.01
CA SER C 22 10.95 -25.47 -21.50
C SER C 22 9.53 -25.32 -22.04
N MET C 23 9.24 -25.97 -23.17
CA MET C 23 7.97 -25.80 -23.87
C MET C 23 6.75 -26.34 -23.07
N SER C 24 6.36 -25.52 -22.09
CA SER C 24 5.21 -25.72 -21.22
C SER C 24 3.92 -24.97 -21.65
N LEU C 25 4.03 -23.95 -22.51
CA LEU C 25 2.86 -23.25 -23.05
C LEU C 25 2.54 -23.77 -24.45
N GLN C 26 3.00 -24.99 -24.75
CA GLN C 26 2.64 -25.65 -26.01
C GLN C 26 1.14 -25.68 -26.15
N GLY C 27 0.66 -25.40 -27.35
CA GLY C 27 -0.76 -25.42 -27.62
C GLY C 27 -1.53 -24.15 -27.25
N LYS C 28 -0.88 -23.19 -26.59
CA LYS C 28 -1.54 -21.93 -26.25
C LYS C 28 -1.12 -20.84 -27.19
N VAL C 29 -2.08 -19.96 -27.47
CA VAL C 29 -1.85 -18.80 -28.31
C VAL C 29 -1.77 -17.57 -27.43
N ALA C 30 -0.69 -16.83 -27.60
CA ALA C 30 -0.45 -15.64 -26.78
C ALA C 30 -0.38 -14.41 -27.64
N LEU C 31 -0.89 -13.32 -27.09
CA LEU C 31 -0.94 -12.05 -27.79
C LEU C 31 -0.18 -11.05 -26.96
N VAL C 32 0.85 -10.47 -27.54
CA VAL C 32 1.67 -9.51 -26.84
C VAL C 32 1.62 -8.19 -27.58
N THR C 33 1.03 -7.17 -26.98
CA THR C 33 0.93 -5.86 -27.62
C THR C 33 2.22 -5.10 -27.42
N GLY C 34 2.58 -4.33 -28.42
CA GLY C 34 3.77 -3.49 -28.37
C GLY C 34 5.00 -4.38 -28.30
N ALA C 35 5.16 -5.24 -29.29
CA ALA C 35 6.22 -6.25 -29.29
C ALA C 35 7.43 -5.93 -30.18
N SER C 36 7.47 -4.75 -30.80
CA SER C 36 8.50 -4.49 -31.82
C SER C 36 9.86 -4.21 -31.22
N ARG C 37 9.91 -3.89 -29.94
CA ARG C 37 11.19 -3.57 -29.30
C ARG C 37 11.16 -3.83 -27.81
N GLY C 38 12.34 -3.75 -27.20
CA GLY C 38 12.51 -3.71 -25.76
C GLY C 38 11.79 -4.80 -25.01
N ILE C 39 11.03 -4.40 -24.00
CA ILE C 39 10.35 -5.32 -23.11
C ILE C 39 9.37 -6.23 -23.85
N GLY C 40 8.50 -5.63 -24.65
CA GLY C 40 7.50 -6.39 -25.41
C GLY C 40 8.15 -7.43 -26.29
N GLN C 41 9.23 -7.05 -26.96
CA GLN C 41 9.94 -8.00 -27.81
C GLN C 41 10.47 -9.15 -26.96
N ALA C 42 11.09 -8.81 -25.85
CA ALA C 42 11.61 -9.81 -24.95
C ALA C 42 10.51 -10.74 -24.45
N ILE C 43 9.32 -10.18 -24.20
CA ILE C 43 8.18 -10.99 -23.74
C ILE C 43 7.71 -11.95 -24.81
N ALA C 44 7.62 -11.46 -26.04
CA ALA C 44 7.24 -12.33 -27.16
C ALA C 44 8.17 -13.52 -27.35
N LEU C 45 9.48 -13.27 -27.27
CA LEU C 45 10.47 -14.36 -27.40
C LEU C 45 10.44 -15.34 -26.21
N GLU C 46 10.15 -14.84 -25.02
CA GLU C 46 10.09 -15.70 -23.85
C GLU C 46 8.88 -16.63 -23.92
N LEU C 47 7.72 -16.09 -24.27
CA LEU C 47 6.53 -16.94 -24.39
C LEU C 47 6.72 -17.92 -25.55
N GLY C 48 7.45 -17.48 -26.59
CA GLY C 48 7.82 -18.36 -27.67
C GLY C 48 8.71 -19.48 -27.15
N ARG C 49 9.73 -19.11 -26.40
CA ARG C 49 10.63 -20.10 -25.81
C ARG C 49 9.87 -21.13 -25.00
N LEU C 50 8.78 -20.73 -24.37
CA LEU C 50 7.99 -21.66 -23.56
C LEU C 50 6.96 -22.45 -24.36
N GLY C 51 6.94 -22.27 -25.67
CA GLY C 51 6.16 -23.13 -26.56
C GLY C 51 4.85 -22.52 -27.03
N ALA C 52 4.61 -21.26 -26.72
CA ALA C 52 3.38 -20.61 -27.13
C ALA C 52 3.47 -20.26 -28.61
N VAL C 53 2.34 -20.26 -29.28
CA VAL C 53 2.24 -19.61 -30.57
C VAL C 53 2.01 -18.12 -30.31
N VAL C 54 2.88 -17.27 -30.84
CA VAL C 54 2.91 -15.90 -30.43
C VAL C 54 2.51 -14.91 -31.52
N ILE C 55 1.46 -14.14 -31.26
CA ILE C 55 1.13 -12.99 -32.04
C ILE C 55 1.59 -11.74 -31.31
N GLY C 56 2.58 -11.04 -31.87
CA GLY C 56 3.03 -9.74 -31.36
C GLY C 56 2.40 -8.65 -32.19
N THR C 57 2.21 -7.47 -31.62
CA THR C 57 1.61 -6.34 -32.35
C THR C 57 2.35 -5.00 -32.23
N ALA C 58 2.11 -4.15 -33.22
CA ALA C 58 2.64 -2.82 -33.27
C ALA C 58 1.61 -1.99 -34.03
N THR C 59 1.79 -0.69 -34.01
CA THR C 59 0.81 0.21 -34.57
C THR C 59 0.98 0.46 -36.06
N SER C 60 2.14 0.07 -36.59
CA SER C 60 2.50 0.32 -38.00
C SER C 60 2.82 -0.98 -38.71
N ALA C 61 2.78 -0.93 -40.04
CA ALA C 61 3.06 -2.09 -40.86
C ALA C 61 4.54 -2.51 -40.73
N SER C 62 5.45 -1.53 -40.74
CA SER C 62 6.88 -1.85 -40.62
C SER C 62 7.22 -2.44 -39.25
N GLY C 63 6.48 -2.01 -38.22
CA GLY C 63 6.63 -2.59 -36.88
C GLY C 63 6.21 -4.05 -36.88
N ALA C 64 5.09 -4.32 -37.52
CA ALA C 64 4.54 -5.68 -37.59
C ALA C 64 5.44 -6.59 -38.39
N GLU C 65 5.98 -6.08 -39.51
CA GLU C 65 6.99 -6.77 -40.31
C GLU C 65 8.14 -7.18 -39.42
N LYS C 66 8.66 -6.21 -38.68
CA LYS C 66 9.83 -6.45 -37.85
C LYS C 66 9.60 -7.53 -36.81
N ILE C 67 8.41 -7.52 -36.18
CA ILE C 67 8.02 -8.54 -35.24
C ILE C 67 8.10 -9.91 -35.88
N ALA C 68 7.58 -10.03 -37.09
CA ALA C 68 7.58 -11.31 -37.80
C ALA C 68 8.99 -11.83 -38.08
N GLU C 69 9.90 -10.93 -38.44
CA GLU C 69 11.28 -11.32 -38.75
C GLU C 69 11.85 -11.93 -37.50
N THR C 70 11.72 -11.18 -36.40
CA THR C 70 12.28 -11.57 -35.12
C THR C 70 11.78 -12.95 -34.70
N LEU C 71 10.50 -13.21 -34.90
CA LEU C 71 9.94 -14.52 -34.56
C LEU C 71 10.60 -15.64 -35.39
N LYS C 72 10.56 -15.51 -36.71
CA LYS C 72 11.18 -16.52 -37.56
C LYS C 72 12.65 -16.64 -37.21
N ALA C 73 13.31 -15.49 -37.05
CA ALA C 73 14.73 -15.46 -36.73
C ALA C 73 15.06 -16.20 -35.42
N ASN C 74 14.10 -16.29 -34.49
CA ASN C 74 14.27 -17.08 -33.27
C ASN C 74 13.40 -18.35 -33.22
N GLY C 75 12.94 -18.82 -34.38
CA GLY C 75 12.22 -20.08 -34.47
C GLY C 75 10.91 -20.13 -33.70
N VAL C 76 10.22 -19.00 -33.62
CA VAL C 76 8.94 -18.95 -32.94
C VAL C 76 7.79 -18.93 -33.92
N GLU C 77 6.85 -19.85 -33.74
CA GLU C 77 5.67 -19.90 -34.54
C GLU C 77 4.75 -18.77 -34.09
N GLY C 78 4.32 -17.94 -35.03
CA GLY C 78 3.39 -16.86 -34.71
C GLY C 78 3.21 -15.86 -35.83
N ALA C 79 3.03 -14.59 -35.47
CA ALA C 79 2.78 -13.53 -36.43
C ALA C 79 3.00 -12.13 -35.86
N GLY C 80 3.21 -11.17 -36.76
CA GLY C 80 3.16 -9.76 -36.43
C GLY C 80 1.92 -9.15 -37.05
N LEU C 81 1.14 -8.44 -36.24
CA LEU C 81 -0.06 -7.76 -36.72
C LEU C 81 -0.05 -6.29 -36.41
N VAL C 82 -0.82 -5.55 -37.17
CA VAL C 82 -1.04 -4.17 -36.88
C VAL C 82 -2.22 -4.10 -35.95
N LEU C 83 -2.03 -3.41 -34.83
CA LEU C 83 -3.09 -3.24 -33.84
C LEU C 83 -2.98 -1.88 -33.16
N ASP C 84 -4.10 -1.16 -33.10
CA ASP C 84 -4.21 0.05 -32.30
C ASP C 84 -5.19 -0.17 -31.14
N VAL C 85 -4.65 -0.35 -29.94
CA VAL C 85 -5.47 -0.70 -28.79
C VAL C 85 -6.40 0.42 -28.34
N SER C 86 -6.28 1.59 -28.93
CA SER C 86 -7.13 2.72 -28.53
C SER C 86 -8.46 2.71 -29.26
N SER C 87 -8.61 1.82 -30.25
CA SER C 87 -9.76 1.82 -31.17
C SER C 87 -10.50 0.51 -31.14
N ASP C 88 -11.80 0.58 -30.94
CA ASP C 88 -12.63 -0.61 -30.83
C ASP C 88 -12.59 -1.43 -32.09
N GLU C 89 -12.62 -0.75 -33.23
CA GLU C 89 -12.64 -1.41 -34.52
C GLU C 89 -11.37 -2.20 -34.71
N SER C 90 -10.24 -1.58 -34.46
CA SER C 90 -8.98 -2.25 -34.61
C SER C 90 -8.97 -3.55 -33.80
N VAL C 91 -9.34 -3.44 -32.52
CA VAL C 91 -9.32 -4.54 -31.59
C VAL C 91 -10.20 -5.68 -32.04
N ALA C 92 -11.45 -5.36 -32.35
CA ALA C 92 -12.43 -6.34 -32.81
C ALA C 92 -11.95 -7.09 -34.06
N ALA C 93 -11.49 -6.31 -35.04
CA ALA C 93 -11.05 -6.87 -36.31
C ALA C 93 -9.83 -7.72 -36.11
N THR C 94 -8.86 -7.17 -35.39
CA THR C 94 -7.62 -7.92 -35.12
C THR C 94 -7.90 -9.27 -34.48
N LEU C 95 -8.70 -9.27 -33.44
CA LEU C 95 -8.98 -10.50 -32.70
C LEU C 95 -9.68 -11.53 -33.57
N GLU C 96 -10.57 -11.04 -34.42
CA GLU C 96 -11.26 -11.88 -35.37
C GLU C 96 -10.24 -12.52 -36.34
N HIS C 97 -9.32 -11.74 -36.92
CA HIS C 97 -8.25 -12.31 -37.76
C HIS C 97 -7.51 -13.41 -37.03
N ILE C 98 -7.21 -13.20 -35.76
CA ILE C 98 -6.47 -14.18 -35.00
C ILE C 98 -7.30 -15.45 -34.81
N GLN C 99 -8.57 -15.29 -34.50
CA GLN C 99 -9.45 -16.43 -34.31
C GLN C 99 -9.60 -17.24 -35.56
N GLN C 100 -9.81 -16.55 -36.67
CA GLN C 100 -9.99 -17.22 -37.94
C GLN C 100 -8.73 -17.94 -38.42
N HIS C 101 -7.56 -17.39 -38.11
CA HIS C 101 -6.32 -17.98 -38.58
C HIS C 101 -5.61 -18.88 -37.54
N LEU C 102 -5.29 -18.37 -36.36
CA LEU C 102 -4.40 -19.08 -35.44
C LEU C 102 -5.06 -19.70 -34.22
N GLY C 103 -6.30 -19.33 -33.93
CA GLY C 103 -7.03 -19.85 -32.77
C GLY C 103 -7.26 -18.76 -31.74
N GLN C 104 -7.73 -19.13 -30.57
CA GLN C 104 -8.14 -18.15 -29.56
C GLN C 104 -6.97 -17.81 -28.66
N PRO C 105 -6.63 -16.51 -28.53
CA PRO C 105 -5.57 -16.11 -27.60
C PRO C 105 -5.97 -16.23 -26.11
N LEU C 106 -5.35 -17.16 -25.40
CA LEU C 106 -5.66 -17.38 -24.00
C LEU C 106 -4.63 -16.74 -23.06
N ILE C 107 -3.50 -16.34 -23.60
CA ILE C 107 -2.54 -15.55 -22.86
C ILE C 107 -2.46 -14.20 -23.52
N VAL C 108 -2.64 -13.14 -22.75
CA VAL C 108 -2.67 -11.80 -23.32
C VAL C 108 -1.88 -10.87 -22.43
N VAL C 109 -0.88 -10.24 -23.03
CA VAL C 109 0.02 -9.36 -22.36
C VAL C 109 -0.09 -7.97 -22.93
N ASN C 110 -0.68 -7.06 -22.17
CA ASN C 110 -0.79 -5.68 -22.57
C ASN C 110 0.46 -4.92 -22.22
N ASN C 111 1.24 -4.59 -23.24
CA ASN C 111 2.47 -3.85 -23.04
C ASN C 111 2.51 -2.56 -23.88
N ALA C 112 1.59 -2.42 -24.83
CA ALA C 112 1.46 -1.17 -25.65
C ALA C 112 0.82 0.07 -24.96
N GLY C 113 1.61 1.12 -24.76
CA GLY C 113 1.16 2.35 -24.13
C GLY C 113 0.42 3.25 -25.13
N ASP C 126 -1.00 18.26 -16.97
CA ASP C 126 -2.19 17.53 -17.39
C ASP C 126 -1.85 16.21 -18.06
N GLU C 127 -0.58 16.04 -18.43
CA GLU C 127 -0.10 14.79 -19.01
C GLU C 127 -0.30 13.68 -17.99
N TRP C 128 -0.13 13.97 -16.71
CA TRP C 128 -0.15 12.91 -15.69
C TRP C 128 -1.47 12.13 -15.71
N PHE C 129 -2.59 12.85 -15.80
CA PHE C 129 -3.96 12.26 -15.82
C PHE C 129 -4.29 11.53 -17.13
N ASP C 130 -4.17 12.25 -18.25
CA ASP C 130 -4.46 11.74 -19.60
C ASP C 130 -3.69 10.45 -19.93
N VAL C 131 -2.40 10.38 -19.58
CA VAL C 131 -1.63 9.15 -19.79
C VAL C 131 -2.33 7.98 -19.12
N VAL C 132 -2.57 8.10 -17.82
CA VAL C 132 -3.14 6.98 -17.08
C VAL C 132 -4.57 6.67 -17.55
N ASN C 133 -5.38 7.70 -17.74
CA ASN C 133 -6.75 7.47 -18.19
C ASN C 133 -6.82 6.77 -19.52
N THR C 134 -5.95 7.17 -20.44
CA THR C 134 -5.91 6.59 -21.76
C THR C 134 -5.39 5.15 -21.67
N ASN C 135 -4.31 4.92 -20.95
CA ASN C 135 -3.85 3.55 -20.84
C ASN C 135 -4.92 2.62 -20.33
N LEU C 136 -5.51 2.96 -19.18
CA LEU C 136 -6.45 2.07 -18.52
C LEU C 136 -7.70 1.82 -19.35
N ASN C 137 -8.11 2.79 -20.15
CA ASN C 137 -9.18 2.59 -21.11
C ASN C 137 -8.80 1.57 -22.20
N SER C 138 -7.53 1.58 -22.60
CA SER C 138 -7.03 0.59 -23.54
C SER C 138 -6.92 -0.80 -22.92
N LEU C 139 -6.43 -0.90 -21.68
CA LEU C 139 -6.40 -2.20 -21.00
C LEU C 139 -7.78 -2.80 -20.95
N TYR C 140 -8.77 -1.99 -20.60
CA TYR C 140 -10.10 -2.50 -20.37
C TYR C 140 -10.73 -2.93 -21.68
N ARG C 141 -10.61 -2.08 -22.69
CA ARG C 141 -11.04 -2.43 -24.04
C ARG C 141 -10.55 -3.81 -24.47
N LEU C 142 -9.23 -3.96 -24.50
CA LEU C 142 -8.63 -5.19 -24.99
C LEU C 142 -8.99 -6.37 -24.12
N SER C 143 -8.91 -6.15 -22.82
CA SER C 143 -9.19 -7.21 -21.86
C SER C 143 -10.62 -7.75 -22.03
N LYS C 144 -11.59 -6.86 -22.10
CA LYS C 144 -12.98 -7.23 -22.34
C LYS C 144 -13.20 -7.99 -23.67
N ALA C 145 -12.43 -7.64 -24.69
CA ALA C 145 -12.54 -8.30 -25.97
C ALA C 145 -11.97 -9.72 -26.00
N VAL C 146 -10.87 -9.98 -25.28
CA VAL C 146 -10.26 -11.32 -25.26
C VAL C 146 -10.94 -12.22 -24.27
N LEU C 147 -11.78 -11.62 -23.43
CA LEU C 147 -12.38 -12.32 -22.32
C LEU C 147 -13.43 -13.33 -22.75
N ARG C 148 -14.13 -13.05 -23.83
CA ARG C 148 -15.08 -14.04 -24.33
C ARG C 148 -14.38 -15.38 -24.65
N GLY C 149 -13.21 -15.32 -25.29
CA GLY C 149 -12.49 -16.52 -25.64
C GLY C 149 -12.03 -17.30 -24.42
N MET C 150 -11.54 -16.59 -23.42
CA MET C 150 -11.02 -17.26 -22.22
C MET C 150 -12.16 -17.89 -21.40
N THR C 151 -13.27 -17.16 -21.30
CA THR C 151 -14.48 -17.65 -20.68
C THR C 151 -14.88 -19.00 -21.27
N LYS C 152 -14.95 -19.08 -22.59
CA LYS C 152 -15.32 -20.33 -23.28
C LYS C 152 -14.35 -21.47 -22.96
N ALA C 153 -13.07 -21.16 -22.83
CA ALA C 153 -12.06 -22.19 -22.57
C ALA C 153 -11.93 -22.47 -21.07
N ARG C 154 -12.56 -21.65 -20.23
CA ARG C 154 -12.45 -21.76 -18.78
C ARG C 154 -10.99 -21.79 -18.32
N TRP C 155 -10.17 -20.92 -18.94
CA TRP C 155 -8.77 -20.74 -18.57
C TRP C 155 -8.24 -19.49 -19.26
N GLY C 156 -7.33 -18.78 -18.60
CA GLY C 156 -6.78 -17.58 -19.22
C GLY C 156 -5.80 -16.80 -18.38
N ARG C 157 -4.88 -16.10 -19.06
CA ARG C 157 -3.89 -15.27 -18.40
C ARG C 157 -3.91 -13.91 -19.03
N ILE C 158 -4.13 -12.88 -18.21
CA ILE C 158 -3.95 -11.53 -18.65
C ILE C 158 -2.89 -10.88 -17.82
N ILE C 159 -1.90 -10.30 -18.48
CA ILE C 159 -0.75 -9.73 -17.79
C ILE C 159 -0.48 -8.32 -18.30
N ASN C 160 -0.43 -7.36 -17.38
CA ASN C 160 -0.33 -5.96 -17.73
C ASN C 160 1.05 -5.39 -17.35
N ILE C 161 1.77 -4.88 -18.33
CA ILE C 161 3.10 -4.37 -18.05
C ILE C 161 3.02 -2.89 -17.76
N GLY C 162 3.60 -2.48 -16.64
CA GLY C 162 3.56 -1.11 -16.22
C GLY C 162 4.47 -0.20 -16.99
N SER C 163 4.20 1.09 -16.79
CA SER C 163 5.15 2.19 -16.98
C SER C 163 6.55 1.91 -16.34
N VAL C 164 7.60 1.93 -17.16
CA VAL C 164 9.01 1.83 -16.70
C VAL C 164 9.34 3.10 -15.94
N VAL C 165 10.59 3.46 -15.71
CA VAL C 165 10.76 4.79 -15.16
C VAL C 165 10.96 5.89 -16.22
N GLY C 166 10.40 7.04 -15.90
CA GLY C 166 10.28 8.14 -16.82
C GLY C 166 9.20 9.07 -16.30
N ALA C 171 8.77 15.49 -12.14
CA ALA C 171 7.80 15.24 -13.20
C ALA C 171 7.58 13.73 -13.44
N GLY C 172 8.68 13.00 -13.63
CA GLY C 172 8.64 11.54 -13.81
C GLY C 172 8.19 10.77 -12.57
N GLN C 173 8.36 11.37 -11.41
CA GLN C 173 8.00 10.73 -10.14
C GLN C 173 6.48 10.75 -9.92
N THR C 174 5.86 11.91 -10.13
CA THR C 174 4.39 12.08 -10.09
C THR C 174 3.68 11.03 -10.95
N ASN C 175 4.16 10.91 -12.17
CA ASN C 175 3.56 10.03 -13.14
C ASN C 175 3.75 8.54 -12.87
N TYR C 176 4.87 8.15 -12.27
CA TYR C 176 5.17 6.74 -12.03
C TYR C 176 4.32 6.18 -10.91
N ALA C 177 4.21 6.93 -9.81
CA ALA C 177 3.39 6.53 -8.67
C ALA C 177 1.91 6.41 -9.08
N ALA C 178 1.46 7.34 -9.90
CA ALA C 178 0.07 7.36 -10.38
C ALA C 178 -0.22 6.21 -11.34
N ALA C 179 0.65 6.01 -12.31
CA ALA C 179 0.50 4.94 -13.28
C ALA C 179 0.46 3.62 -12.52
N LYS C 180 1.31 3.50 -11.50
CA LYS C 180 1.40 2.28 -10.73
C LYS C 180 0.12 2.03 -9.94
N ALA C 181 -0.35 3.04 -9.23
CA ALA C 181 -1.58 2.90 -8.42
C ALA C 181 -2.76 2.56 -9.31
N GLY C 182 -2.78 3.10 -10.52
CA GLY C 182 -3.87 2.84 -11.45
C GLY C 182 -3.83 1.41 -11.95
N LEU C 183 -2.65 0.99 -12.37
CA LEU C 183 -2.43 -0.36 -12.84
C LEU C 183 -2.82 -1.38 -11.80
N GLU C 184 -2.50 -1.08 -10.56
CA GLU C 184 -2.65 -2.05 -9.53
C GLU C 184 -4.07 -2.25 -9.06
N GLY C 185 -4.77 -1.14 -8.86
CA GLY C 185 -6.19 -1.18 -8.52
C GLY C 185 -7.00 -1.77 -9.67
N PHE C 186 -6.61 -1.44 -10.89
CA PHE C 186 -7.27 -1.95 -12.07
C PHE C 186 -7.10 -3.45 -12.13
N THR C 187 -5.87 -3.89 -12.01
CA THR C 187 -5.51 -5.30 -12.14
C THR C 187 -6.22 -6.09 -11.08
N ARG C 188 -6.20 -5.57 -9.86
CA ARG C 188 -6.89 -6.21 -8.78
C ARG C 188 -8.42 -6.31 -9.04
N ALA C 189 -9.03 -5.20 -9.43
CA ALA C 189 -10.47 -5.20 -9.68
C ALA C 189 -10.89 -6.15 -10.81
N LEU C 190 -10.11 -6.17 -11.88
CA LEU C 190 -10.42 -7.05 -12.99
C LEU C 190 -10.25 -8.52 -12.59
N ALA C 191 -9.22 -8.81 -11.81
CA ALA C 191 -9.01 -10.17 -11.31
C ALA C 191 -10.24 -10.68 -10.56
N ARG C 192 -10.79 -9.83 -9.69
CA ARG C 192 -12.01 -10.19 -8.92
C ARG C 192 -13.21 -10.45 -9.81
N GLU C 193 -13.28 -9.73 -10.91
CA GLU C 193 -14.43 -9.83 -11.83
C GLU C 193 -14.40 -11.10 -12.66
N VAL C 194 -13.21 -11.55 -13.07
CA VAL C 194 -13.12 -12.67 -13.98
C VAL C 194 -12.63 -13.97 -13.30
N GLY C 195 -12.24 -13.85 -12.05
CA GLY C 195 -11.68 -14.96 -11.28
C GLY C 195 -12.48 -16.26 -11.35
N SER C 196 -13.79 -16.19 -11.15
CA SER C 196 -14.63 -17.39 -11.12
C SER C 196 -14.50 -18.26 -12.36
N ARG C 197 -13.89 -17.74 -13.42
CA ARG C 197 -13.72 -18.51 -14.63
C ARG C 197 -12.32 -19.05 -14.83
N ALA C 198 -11.53 -19.05 -13.78
CA ALA C 198 -10.14 -19.58 -13.84
C ALA C 198 -9.28 -18.75 -14.78
N ILE C 199 -9.47 -17.45 -14.74
CA ILE C 199 -8.66 -16.51 -15.47
C ILE C 199 -7.92 -15.64 -14.50
N THR C 200 -6.60 -15.77 -14.46
CA THR C 200 -5.80 -14.86 -13.65
C THR C 200 -5.51 -13.57 -14.41
N VAL C 201 -5.38 -12.50 -13.62
CA VAL C 201 -5.09 -11.16 -14.13
C VAL C 201 -4.04 -10.56 -13.22
N ASN C 202 -2.88 -10.24 -13.79
CA ASN C 202 -1.76 -9.76 -12.99
C ASN C 202 -1.00 -8.66 -13.69
N ALA C 203 -0.16 -7.97 -12.92
CA ALA C 203 0.62 -6.90 -13.49
C ALA C 203 2.08 -7.07 -13.12
N VAL C 204 2.95 -6.44 -13.90
CA VAL C 204 4.38 -6.41 -13.63
C VAL C 204 4.81 -4.97 -13.70
N ALA C 205 5.45 -4.49 -12.64
CA ALA C 205 5.80 -3.09 -12.51
C ALA C 205 7.32 -2.93 -12.63
N PRO C 206 7.82 -2.79 -13.86
CA PRO C 206 9.26 -2.64 -14.01
C PRO C 206 9.82 -1.37 -13.38
N GLY C 207 11.03 -1.50 -12.84
CA GLY C 207 11.78 -0.37 -12.34
C GLY C 207 12.61 0.23 -13.46
N PHE C 208 13.91 0.33 -13.24
CA PHE C 208 14.83 0.88 -14.24
C PHE C 208 15.41 -0.23 -15.08
N ILE C 209 14.95 -0.27 -16.32
CA ILE C 209 15.26 -1.33 -17.25
C ILE C 209 16.22 -0.81 -18.29
N ASP C 210 17.16 -1.64 -18.70
CA ASP C 210 18.08 -1.31 -19.77
C ASP C 210 17.35 -1.27 -21.06
N THR C 211 17.23 -0.05 -21.55
CA THR C 211 16.74 0.12 -22.88
C THR C 211 17.69 1.03 -23.62
N ASP C 212 17.48 1.11 -24.92
CA ASP C 212 18.41 1.83 -25.77
C ASP C 212 18.57 3.31 -25.42
N MET C 213 17.57 3.91 -24.80
CA MET C 213 17.70 5.27 -24.31
C MET C 213 18.60 5.40 -23.07
N THR C 214 18.40 4.53 -22.09
CA THR C 214 19.11 4.64 -20.80
C THR C 214 20.62 4.36 -20.90
N ARG C 215 21.03 3.64 -21.94
CA ARG C 215 22.46 3.31 -22.14
C ARG C 215 23.31 4.57 -22.44
N GLU C 216 22.66 5.67 -22.78
CA GLU C 216 23.33 6.89 -23.33
C GLU C 216 23.49 8.06 -22.35
N LEU C 217 23.04 7.89 -21.11
CA LEU C 217 23.23 8.93 -20.10
C LEU C 217 24.70 9.21 -19.76
N PRO C 218 25.01 10.46 -19.35
CA PRO C 218 26.36 10.78 -18.85
C PRO C 218 26.70 10.00 -17.58
N GLU C 219 27.92 9.50 -17.47
CA GLU C 219 28.30 8.61 -16.37
C GLU C 219 27.75 9.03 -15.02
N ALA C 220 27.83 10.33 -14.71
CA ALA C 220 27.35 10.85 -13.43
C ALA C 220 25.86 10.56 -13.23
N GLN C 221 25.09 10.70 -14.30
CA GLN C 221 23.67 10.42 -14.27
C GLN C 221 23.37 8.92 -14.09
N ARG C 222 24.12 8.06 -14.80
CA ARG C 222 23.90 6.62 -14.67
C ARG C 222 24.27 6.13 -13.26
N GLU C 223 25.42 6.58 -12.77
CA GLU C 223 25.95 6.18 -11.48
C GLU C 223 25.03 6.61 -10.33
N ALA C 224 24.48 7.81 -10.45
CA ALA C 224 23.51 8.33 -9.48
C ALA C 224 22.23 7.51 -9.46
N LEU C 225 21.87 6.95 -10.62
CA LEU C 225 20.66 6.13 -10.71
C LEU C 225 20.94 4.74 -10.15
N LEU C 226 22.09 4.20 -10.51
CA LEU C 226 22.54 2.93 -9.98
C LEU C 226 22.69 2.99 -8.46
N GLY C 227 23.07 4.15 -7.93
CA GLY C 227 23.21 4.35 -6.48
C GLY C 227 21.90 4.26 -5.73
N GLN C 228 20.78 4.41 -6.44
CA GLN C 228 19.45 4.26 -5.87
C GLN C 228 18.88 2.84 -5.95
N ILE C 229 19.57 1.97 -6.67
CA ILE C 229 19.13 0.59 -6.89
C ILE C 229 20.03 -0.36 -6.13
N PRO C 230 19.50 -1.01 -5.08
CA PRO C 230 20.31 -1.90 -4.23
C PRO C 230 21.11 -2.94 -5.03
N LEU C 231 20.50 -3.54 -6.05
CA LEU C 231 21.25 -4.47 -6.92
C LEU C 231 22.38 -3.82 -7.70
N GLY C 232 22.41 -2.49 -7.74
CA GLY C 232 23.53 -1.75 -8.32
C GLY C 232 23.63 -1.83 -9.84
N ARG C 233 22.53 -2.20 -10.49
CA ARG C 233 22.51 -2.35 -11.93
C ARG C 233 21.13 -2.10 -12.49
N LEU C 234 21.07 -1.86 -13.79
CA LEU C 234 19.79 -1.77 -14.49
C LEU C 234 19.29 -3.18 -14.69
N GLY C 235 17.97 -3.35 -14.72
CA GLY C 235 17.41 -4.65 -15.03
C GLY C 235 17.43 -4.85 -16.54
N GLN C 236 17.44 -6.10 -16.96
CA GLN C 236 17.34 -6.42 -18.38
C GLN C 236 15.90 -6.66 -18.79
N ALA C 237 15.59 -6.43 -20.06
CA ALA C 237 14.26 -6.69 -20.59
C ALA C 237 13.89 -8.16 -20.35
N GLU C 238 14.84 -9.06 -20.57
CA GLU C 238 14.62 -10.48 -20.37
C GLU C 238 14.13 -10.76 -18.96
N GLU C 239 14.60 -9.97 -18.01
CA GLU C 239 14.29 -10.21 -16.61
C GLU C 239 12.85 -9.81 -16.28
N ILE C 240 12.27 -8.90 -17.06
CA ILE C 240 10.85 -8.64 -16.98
C ILE C 240 10.13 -9.82 -17.61
N ALA C 241 10.65 -10.29 -18.73
CA ALA C 241 10.00 -11.31 -19.52
C ALA C 241 9.89 -12.63 -18.76
N LYS C 242 10.86 -12.96 -17.93
CA LYS C 242 10.80 -14.21 -17.20
C LYS C 242 9.67 -14.20 -16.19
N VAL C 243 9.38 -13.03 -15.63
CA VAL C 243 8.30 -12.91 -14.68
C VAL C 243 6.97 -13.10 -15.38
N VAL C 244 6.83 -12.47 -16.53
CA VAL C 244 5.65 -12.66 -17.36
C VAL C 244 5.53 -14.14 -17.74
N GLY C 245 6.66 -14.74 -18.11
CA GLY C 245 6.67 -16.13 -18.49
C GLY C 245 6.14 -17.01 -17.37
N PHE C 246 6.58 -16.74 -16.16
CA PHE C 246 6.10 -17.48 -15.03
C PHE C 246 4.61 -17.25 -14.78
N LEU C 247 4.17 -15.99 -14.82
CA LEU C 247 2.79 -15.67 -14.51
C LEU C 247 1.84 -16.35 -15.50
N ALA C 248 2.31 -16.54 -16.72
CA ALA C 248 1.53 -17.22 -17.76
C ALA C 248 1.36 -18.74 -17.53
N SER C 249 2.17 -19.33 -16.65
CA SER C 249 2.23 -20.78 -16.50
C SER C 249 1.09 -21.31 -15.61
N ASP C 250 0.89 -22.62 -15.63
CA ASP C 250 -0.10 -23.29 -14.77
C ASP C 250 0.31 -23.18 -13.34
N GLY C 251 1.62 -23.16 -13.12
CA GLY C 251 2.15 -22.99 -11.77
C GLY C 251 1.72 -21.73 -11.06
N ALA C 252 1.50 -20.65 -11.82
CA ALA C 252 1.03 -19.39 -11.26
C ALA C 252 -0.49 -19.28 -11.18
N ALA C 253 -1.20 -20.41 -11.20
CA ALA C 253 -2.66 -20.39 -11.26
C ALA C 253 -3.35 -19.73 -10.06
N TYR C 254 -2.74 -19.79 -8.88
CA TYR C 254 -3.37 -19.16 -7.71
C TYR C 254 -2.89 -17.71 -7.47
N VAL C 255 -2.05 -17.19 -8.37
CA VAL C 255 -1.66 -15.77 -8.30
C VAL C 255 -2.61 -14.94 -9.17
N THR C 256 -3.37 -14.04 -8.58
CA THR C 256 -4.26 -13.19 -9.35
C THR C 256 -4.53 -11.88 -8.62
N GLY C 257 -4.68 -10.81 -9.39
CA GLY C 257 -4.84 -9.45 -8.84
C GLY C 257 -3.58 -8.90 -8.20
N ALA C 258 -2.46 -9.50 -8.55
CA ALA C 258 -1.19 -9.14 -7.96
C ALA C 258 -0.41 -8.27 -8.91
N THR C 259 0.40 -7.36 -8.35
CA THR C 259 1.34 -6.55 -9.13
C THR C 259 2.77 -6.81 -8.66
N VAL C 260 3.55 -7.48 -9.49
CA VAL C 260 4.89 -7.91 -9.14
C VAL C 260 5.91 -6.84 -9.52
N PRO C 261 6.55 -6.21 -8.52
CA PRO C 261 7.58 -5.23 -8.83
C PRO C 261 8.88 -5.93 -9.26
N VAL C 262 9.52 -5.40 -10.31
CA VAL C 262 10.72 -5.98 -10.83
C VAL C 262 11.68 -4.83 -11.02
N ASN C 263 12.28 -4.40 -9.92
CA ASN C 263 12.97 -3.10 -9.84
C ASN C 263 14.32 -3.08 -9.14
N GLY C 264 14.87 -4.25 -8.84
CA GLY C 264 16.19 -4.33 -8.22
C GLY C 264 16.25 -3.79 -6.82
N GLY C 265 15.07 -3.62 -6.22
CA GLY C 265 14.96 -3.13 -4.85
C GLY C 265 14.69 -1.65 -4.75
N MET C 266 14.56 -0.96 -5.89
CA MET C 266 14.23 0.48 -5.93
C MET C 266 12.73 0.64 -5.91
N TYR C 267 12.18 1.10 -4.77
CA TYR C 267 10.72 1.29 -4.65
C TYR C 267 10.38 2.77 -4.46
N MET C 268 9.62 3.28 -5.39
CA MET C 268 9.29 4.68 -5.44
C MET C 268 7.84 4.78 -5.06
N SER C 269 7.52 5.72 -4.20
CA SER C 269 6.12 6.10 -3.98
C SER C 269 5.99 7.62 -4.10
N LEU D 18 -8.50 42.35 10.97
CA LEU D 18 -7.32 41.47 10.64
C LEU D 18 -7.13 40.30 11.66
N TYR D 19 -7.78 39.17 11.39
CA TYR D 19 -7.96 38.09 12.38
C TYR D 19 -7.07 36.89 12.14
N PHE D 20 -6.91 36.05 13.16
CA PHE D 20 -6.11 34.82 13.05
C PHE D 20 -6.22 33.81 14.22
N GLN D 21 -6.97 32.73 13.98
CA GLN D 21 -7.13 31.67 14.97
C GLN D 21 -7.10 30.30 14.35
N SER D 22 -7.13 29.26 15.18
CA SER D 22 -6.51 28.00 14.76
C SER D 22 -7.24 27.22 13.70
N MET D 23 -8.57 27.17 13.83
CA MET D 23 -9.37 26.47 12.85
C MET D 23 -10.24 27.35 11.95
N SER D 24 -10.09 28.67 11.97
CA SER D 24 -11.07 29.53 11.31
C SER D 24 -10.98 29.41 9.81
N LEU D 25 -12.14 29.45 9.16
CA LEU D 25 -12.20 29.67 7.74
C LEU D 25 -12.97 30.95 7.35
N GLN D 26 -13.02 31.92 8.25
CA GLN D 26 -13.59 33.23 7.91
C GLN D 26 -12.89 33.82 6.70
N GLY D 27 -13.68 34.41 5.81
CA GLY D 27 -13.14 35.06 4.63
C GLY D 27 -12.89 34.12 3.46
N LYS D 28 -13.02 32.81 3.68
CA LYS D 28 -12.79 31.85 2.61
C LYS D 28 -14.12 31.37 2.04
N VAL D 29 -14.13 31.15 0.74
CA VAL D 29 -15.29 30.59 0.05
C VAL D 29 -15.05 29.13 -0.24
N ALA D 30 -16.00 28.28 0.15
CA ALA D 30 -15.90 26.84 -0.03
C ALA D 30 -17.02 26.32 -0.90
N LEU D 31 -16.68 25.34 -1.73
CA LEU D 31 -17.60 24.73 -2.66
C LEU D 31 -17.68 23.26 -2.35
N VAL D 32 -18.86 22.79 -2.00
CA VAL D 32 -19.05 21.40 -1.62
C VAL D 32 -20.02 20.78 -2.59
N THR D 33 -19.57 19.84 -3.42
CA THR D 33 -20.45 19.19 -4.38
C THR D 33 -21.22 18.08 -3.71
N GLY D 34 -22.45 17.89 -4.14
CA GLY D 34 -23.31 16.84 -3.60
C GLY D 34 -23.63 17.10 -2.15
N ALA D 35 -24.21 18.27 -1.88
CA ALA D 35 -24.42 18.73 -0.50
C ALA D 35 -25.86 18.61 0.01
N SER D 36 -26.76 18.01 -0.76
CA SER D 36 -28.17 18.01 -0.38
C SER D 36 -28.52 17.03 0.76
N ARG D 37 -27.66 16.06 1.01
CA ARG D 37 -27.94 15.08 2.04
C ARG D 37 -26.67 14.45 2.55
N GLY D 38 -26.83 13.68 3.62
CA GLY D 38 -25.78 12.81 4.17
C GLY D 38 -24.46 13.49 4.43
N ILE D 39 -23.40 12.88 3.91
CA ILE D 39 -22.06 13.35 4.13
C ILE D 39 -21.85 14.79 3.63
N GLY D 40 -22.22 15.04 2.37
CA GLY D 40 -22.02 16.35 1.76
C GLY D 40 -22.71 17.43 2.54
N GLN D 41 -23.93 17.15 3.00
CA GLN D 41 -24.63 18.12 3.82
C GLN D 41 -23.88 18.39 5.13
N ALA D 42 -23.46 17.32 5.78
CA ALA D 42 -22.69 17.45 7.00
C ALA D 42 -21.40 18.25 6.78
N ILE D 43 -20.76 18.06 5.62
CA ILE D 43 -19.55 18.81 5.29
C ILE D 43 -19.84 20.30 5.12
N ALA D 44 -20.90 20.63 4.40
CA ALA D 44 -21.28 22.02 4.17
C ALA D 44 -21.52 22.76 5.49
N LEU D 45 -22.23 22.10 6.42
CA LEU D 45 -22.50 22.70 7.73
C LEU D 45 -21.25 22.83 8.58
N GLU D 46 -20.34 21.87 8.46
CA GLU D 46 -19.11 21.95 9.21
C GLU D 46 -18.22 23.09 8.71
N LEU D 47 -18.06 23.23 7.40
CA LEU D 47 -17.26 24.34 6.90
C LEU D 47 -17.95 25.68 7.20
N GLY D 48 -19.28 25.67 7.22
CA GLY D 48 -20.01 26.85 7.66
C GLY D 48 -19.73 27.17 9.10
N ARG D 49 -19.82 26.15 9.94
CA ARG D 49 -19.55 26.29 11.35
C ARG D 49 -18.17 26.90 11.57
N LEU D 50 -17.22 26.62 10.69
CA LEU D 50 -15.85 27.14 10.83
C LEU D 50 -15.65 28.54 10.21
N GLY D 51 -16.73 29.12 9.69
CA GLY D 51 -16.73 30.50 9.23
C GLY D 51 -16.59 30.68 7.73
N ALA D 52 -16.64 29.59 6.97
CA ALA D 52 -16.54 29.69 5.52
C ALA D 52 -17.85 30.17 4.95
N VAL D 53 -17.77 30.89 3.83
CA VAL D 53 -18.95 31.12 3.02
C VAL D 53 -19.12 29.90 2.14
N VAL D 54 -20.27 29.24 2.24
CA VAL D 54 -20.43 27.92 1.64
C VAL D 54 -21.39 27.85 0.47
N ILE D 55 -20.87 27.46 -0.69
CA ILE D 55 -21.69 27.08 -1.82
C ILE D 55 -21.78 25.57 -1.89
N GLY D 56 -22.97 25.02 -1.63
CA GLY D 56 -23.21 23.59 -1.82
C GLY D 56 -23.88 23.36 -3.16
N THR D 57 -23.73 22.17 -3.75
CA THR D 57 -24.37 21.87 -5.04
C THR D 57 -25.08 20.53 -5.09
N ALA D 58 -26.01 20.44 -6.03
CA ALA D 58 -26.75 19.24 -6.32
C ALA D 58 -27.05 19.28 -7.79
N THR D 59 -27.54 18.16 -8.33
CA THR D 59 -27.78 18.05 -9.74
C THR D 59 -29.15 18.58 -10.18
N SER D 60 -30.03 18.80 -9.21
CA SER D 60 -31.39 19.23 -9.47
C SER D 60 -31.70 20.56 -8.79
N ALA D 61 -32.76 21.22 -9.26
CA ALA D 61 -33.19 22.48 -8.68
C ALA D 61 -33.71 22.26 -7.27
N SER D 62 -34.50 21.22 -7.05
CA SER D 62 -35.05 20.96 -5.72
C SER D 62 -33.97 20.61 -4.70
N GLY D 63 -32.91 19.95 -5.17
CA GLY D 63 -31.74 19.70 -4.35
C GLY D 63 -31.03 20.99 -3.95
N ALA D 64 -30.84 21.89 -4.91
CA ALA D 64 -30.21 23.17 -4.66
C ALA D 64 -31.03 24.05 -3.71
N GLU D 65 -32.34 24.06 -3.92
CA GLU D 65 -33.28 24.75 -3.04
C GLU D 65 -33.04 24.23 -1.63
N LYS D 66 -33.02 22.91 -1.49
CA LYS D 66 -32.93 22.30 -0.18
C LYS D 66 -31.63 22.68 0.54
N ILE D 67 -30.54 22.71 -0.22
CA ILE D 67 -29.25 23.13 0.32
C ILE D 67 -29.35 24.53 0.90
N ALA D 68 -29.98 25.43 0.16
CA ALA D 68 -30.15 26.81 0.62
C ALA D 68 -30.96 26.91 1.92
N GLU D 69 -32.02 26.12 2.06
CA GLU D 69 -32.85 26.15 3.26
C GLU D 69 -31.96 25.79 4.44
N THR D 70 -31.28 24.66 4.29
CA THR D 70 -30.42 24.09 5.32
C THR D 70 -29.36 25.10 5.78
N LEU D 71 -28.75 25.81 4.84
CA LEU D 71 -27.79 26.84 5.20
C LEU D 71 -28.43 27.95 6.06
N LYS D 72 -29.49 28.58 5.55
CA LYS D 72 -30.14 29.64 6.32
C LYS D 72 -30.58 29.08 7.65
N ALA D 73 -31.18 27.89 7.62
CA ALA D 73 -31.70 27.25 8.84
C ALA D 73 -30.60 27.04 9.88
N ASN D 74 -29.35 26.92 9.45
CA ASN D 74 -28.22 26.83 10.39
C ASN D 74 -27.31 28.07 10.38
N GLY D 75 -27.82 29.20 9.92
CA GLY D 75 -27.09 30.45 9.96
C GLY D 75 -25.79 30.50 9.18
N VAL D 76 -25.73 29.80 8.06
CA VAL D 76 -24.53 29.79 7.25
C VAL D 76 -24.72 30.66 6.02
N GLU D 77 -23.78 31.57 5.81
CA GLU D 77 -23.79 32.43 4.64
C GLU D 77 -23.31 31.60 3.45
N GLY D 78 -24.08 31.59 2.38
CA GLY D 78 -23.72 30.83 1.20
C GLY D 78 -24.84 30.71 0.19
N ALA D 79 -24.87 29.58 -0.52
CA ALA D 79 -25.84 29.35 -1.59
C ALA D 79 -25.96 27.87 -1.99
N GLY D 80 -27.09 27.53 -2.60
CA GLY D 80 -27.27 26.24 -3.27
C GLY D 80 -27.31 26.48 -4.76
N LEU D 81 -26.51 25.73 -5.50
CA LEU D 81 -26.48 25.83 -6.96
C LEU D 81 -26.67 24.49 -7.64
N VAL D 82 -27.12 24.55 -8.89
CA VAL D 82 -27.27 23.37 -9.68
C VAL D 82 -25.98 23.18 -10.41
N LEU D 83 -25.41 21.99 -10.25
CA LEU D 83 -24.12 21.69 -10.85
C LEU D 83 -24.07 20.23 -11.25
N ASP D 84 -23.71 19.99 -12.50
CA ASP D 84 -23.44 18.66 -13.01
C ASP D 84 -21.94 18.55 -13.32
N VAL D 85 -21.22 17.89 -12.43
CA VAL D 85 -19.76 17.83 -12.55
C VAL D 85 -19.30 17.01 -13.76
N SER D 86 -20.23 16.36 -14.48
CA SER D 86 -19.85 15.55 -15.66
C SER D 86 -19.74 16.40 -16.93
N SER D 87 -20.13 17.67 -16.84
CA SER D 87 -20.28 18.53 -18.00
C SER D 87 -19.42 19.78 -17.89
N ASP D 88 -18.61 20.05 -18.92
CA ASP D 88 -17.68 21.17 -18.92
C ASP D 88 -18.42 22.49 -18.84
N GLU D 89 -19.52 22.56 -19.56
CA GLU D 89 -20.33 23.76 -19.58
C GLU D 89 -20.89 24.08 -18.20
N SER D 90 -21.47 23.08 -17.56
CA SER D 90 -22.04 23.27 -16.23
C SER D 90 -20.97 23.85 -15.31
N VAL D 91 -19.81 23.19 -15.28
CA VAL D 91 -18.72 23.56 -14.40
C VAL D 91 -18.27 24.98 -14.66
N ALA D 92 -18.00 25.32 -15.92
CA ALA D 92 -17.51 26.64 -16.30
C ALA D 92 -18.50 27.72 -15.87
N ALA D 93 -19.77 27.50 -16.21
CA ALA D 93 -20.82 28.46 -15.93
C ALA D 93 -21.01 28.62 -14.43
N THR D 94 -21.09 27.50 -13.73
CA THR D 94 -21.26 27.51 -12.29
C THR D 94 -20.17 28.32 -11.61
N LEU D 95 -18.92 28.03 -11.95
CA LEU D 95 -17.79 28.72 -11.34
C LEU D 95 -17.83 30.21 -11.62
N GLU D 96 -18.25 30.57 -12.82
CA GLU D 96 -18.43 31.97 -13.20
C GLU D 96 -19.44 32.64 -12.26
N HIS D 97 -20.61 32.04 -12.11
CA HIS D 97 -21.62 32.60 -11.22
C HIS D 97 -21.06 32.85 -9.85
N ILE D 98 -20.27 31.92 -9.35
CA ILE D 98 -19.71 32.04 -8.03
C ILE D 98 -18.71 33.19 -7.98
N GLN D 99 -17.86 33.30 -9.00
CA GLN D 99 -16.86 34.36 -9.07
C GLN D 99 -17.50 35.74 -9.14
N GLN D 100 -18.52 35.86 -10.00
CA GLN D 100 -19.32 37.09 -10.18
C GLN D 100 -19.94 37.56 -8.87
N HIS D 101 -20.47 36.61 -8.11
CA HIS D 101 -21.25 36.96 -6.93
C HIS D 101 -20.50 36.87 -5.62
N LEU D 102 -19.91 35.73 -5.30
CA LEU D 102 -19.42 35.50 -3.94
C LEU D 102 -17.91 35.56 -3.80
N GLY D 103 -17.18 35.51 -4.91
CA GLY D 103 -15.70 35.48 -4.88
C GLY D 103 -15.15 34.13 -5.35
N GLN D 104 -13.86 33.93 -5.17
CA GLN D 104 -13.20 32.71 -5.69
C GLN D 104 -13.18 31.57 -4.67
N PRO D 105 -13.66 30.37 -5.06
CA PRO D 105 -13.68 29.26 -4.13
C PRO D 105 -12.27 28.68 -3.94
N LEU D 106 -11.73 28.84 -2.73
CA LEU D 106 -10.40 28.35 -2.43
C LEU D 106 -10.43 27.04 -1.68
N ILE D 107 -11.59 26.68 -1.15
CA ILE D 107 -11.79 25.36 -0.57
C ILE D 107 -12.77 24.64 -1.47
N VAL D 108 -12.41 23.45 -1.93
CA VAL D 108 -13.27 22.70 -2.82
C VAL D 108 -13.30 21.25 -2.40
N VAL D 109 -14.50 20.76 -2.10
CA VAL D 109 -14.71 19.41 -1.62
C VAL D 109 -15.56 18.67 -2.62
N ASN D 110 -14.96 17.73 -3.34
CA ASN D 110 -15.68 16.92 -4.29
CA ASN D 110 -15.75 16.93 -4.28
C ASN D 110 -16.32 15.71 -3.57
N ASN D 111 -17.63 15.74 -3.45
CA ASN D 111 -18.35 14.66 -2.81
C ASN D 111 -19.44 14.11 -3.71
N ALA D 112 -19.77 14.81 -4.80
CA ALA D 112 -20.69 14.30 -5.81
C ALA D 112 -19.98 13.19 -6.65
N GLY D 113 -20.00 11.94 -6.15
CA GLY D 113 -19.90 10.76 -7.00
C GLY D 113 -21.23 10.41 -7.65
N ILE D 114 -21.22 10.11 -8.95
CA ILE D 114 -22.45 9.68 -9.67
C ILE D 114 -22.74 8.19 -9.45
N ARG D 122 -28.79 -2.52 -6.42
CA ARG D 122 -28.34 -3.55 -7.34
C ARG D 122 -27.12 -3.07 -8.14
N MET D 123 -25.95 -3.64 -7.81
CA MET D 123 -24.69 -3.36 -8.51
C MET D 123 -23.84 -4.64 -8.45
N LYS D 124 -23.00 -4.85 -9.46
CA LYS D 124 -22.24 -6.09 -9.57
C LYS D 124 -20.75 -5.84 -9.78
N ASP D 125 -19.96 -6.90 -9.63
CA ASP D 125 -18.49 -6.82 -9.68
C ASP D 125 -17.93 -6.57 -11.08
N ASP D 126 -18.73 -5.99 -11.96
CA ASP D 126 -18.30 -5.62 -13.32
C ASP D 126 -18.50 -4.11 -13.58
N GLU D 127 -19.27 -3.45 -12.73
CA GLU D 127 -19.58 -2.00 -12.80
C GLU D 127 -18.49 -1.12 -12.27
N TRP D 128 -17.47 -1.73 -11.69
CA TRP D 128 -16.40 -0.99 -11.07
C TRP D 128 -15.78 -0.04 -12.06
N PHE D 129 -15.48 -0.51 -13.27
CA PHE D 129 -14.63 0.28 -14.16
C PHE D 129 -15.28 1.61 -14.47
N ASP D 130 -16.48 1.54 -15.02
CA ASP D 130 -17.24 2.73 -15.37
C ASP D 130 -17.48 3.70 -14.20
N VAL D 131 -17.83 3.17 -13.04
CA VAL D 131 -18.03 4.04 -11.88
C VAL D 131 -16.76 4.85 -11.63
N VAL D 132 -15.64 4.16 -11.51
CA VAL D 132 -14.40 4.84 -11.14
C VAL D 132 -13.93 5.76 -12.26
N ASN D 133 -14.01 5.29 -13.51
CA ASN D 133 -13.61 6.13 -14.62
C ASN D 133 -14.40 7.43 -14.69
N THR D 134 -15.71 7.34 -14.47
CA THR D 134 -16.56 8.50 -14.52
C THR D 134 -16.24 9.42 -13.35
N ASN D 135 -16.14 8.88 -12.14
CA ASN D 135 -15.82 9.72 -11.00
C ASN D 135 -14.54 10.52 -11.23
N LEU D 136 -13.45 9.82 -11.54
CA LEU D 136 -12.16 10.47 -11.69
C LEU D 136 -12.09 11.50 -12.81
N ASN D 137 -12.85 11.29 -13.89
CA ASN D 137 -12.97 12.32 -14.94
C ASN D 137 -13.66 13.56 -14.44
N SER D 138 -14.63 13.38 -13.55
CA SER D 138 -15.30 14.51 -12.90
C SER D 138 -14.41 15.23 -11.89
N LEU D 139 -13.64 14.49 -11.10
CA LEU D 139 -12.67 15.13 -10.21
C LEU D 139 -11.71 16.00 -10.97
N TYR D 140 -11.20 15.48 -12.08
CA TYR D 140 -10.15 16.17 -12.80
C TYR D 140 -10.75 17.42 -13.43
N ARG D 141 -11.90 17.26 -14.08
CA ARG D 141 -12.61 18.39 -14.64
C ARG D 141 -12.74 19.53 -13.64
N LEU D 142 -13.39 19.25 -12.54
CA LEU D 142 -13.68 20.30 -11.56
C LEU D 142 -12.40 20.87 -10.96
N SER D 143 -11.49 19.98 -10.62
CA SER D 143 -10.24 20.38 -10.01
C SER D 143 -9.49 21.35 -10.90
N LYS D 144 -9.33 21.00 -12.17
CA LYS D 144 -8.64 21.88 -13.11
C LYS D 144 -9.32 23.24 -13.25
N ALA D 145 -10.64 23.27 -13.15
CA ALA D 145 -11.38 24.50 -13.29
C ALA D 145 -11.21 25.45 -12.10
N VAL D 146 -11.14 24.90 -10.88
CA VAL D 146 -11.00 25.73 -9.68
C VAL D 146 -9.56 26.12 -9.44
N LEU D 147 -8.66 25.47 -10.17
CA LEU D 147 -7.23 25.62 -9.90
C LEU D 147 -6.71 26.96 -10.32
N ARG D 148 -7.29 27.53 -11.36
CA ARG D 148 -6.85 28.83 -11.78
C ARG D 148 -7.01 29.83 -10.63
N GLY D 149 -8.13 29.76 -9.93
CA GLY D 149 -8.40 30.67 -8.82
C GLY D 149 -7.42 30.49 -7.67
N MET D 150 -7.10 29.24 -7.35
CA MET D 150 -6.21 28.94 -6.21
C MET D 150 -4.78 29.33 -6.53
N THR D 151 -4.38 29.07 -7.77
CA THR D 151 -3.09 29.51 -8.29
C THR D 151 -2.91 31.02 -8.10
N LYS D 152 -3.90 31.80 -8.52
CA LYS D 152 -3.86 33.26 -8.38
C LYS D 152 -3.75 33.71 -6.92
N ALA D 153 -4.40 32.99 -6.01
CA ALA D 153 -4.38 33.35 -4.59
C ALA D 153 -3.19 32.73 -3.85
N ARG D 154 -2.46 31.83 -4.52
CA ARG D 154 -1.33 31.12 -3.93
C ARG D 154 -1.72 30.45 -2.62
N TRP D 155 -2.89 29.84 -2.61
CA TRP D 155 -3.40 29.05 -1.48
C TRP D 155 -4.64 28.27 -1.92
N GLY D 156 -4.84 27.08 -1.37
CA GLY D 156 -6.01 26.30 -1.74
C GLY D 156 -6.10 24.94 -1.08
N ARG D 157 -7.33 24.47 -0.93
CA ARG D 157 -7.63 23.14 -0.40
C ARG D 157 -8.55 22.41 -1.34
N ILE D 158 -8.13 21.24 -1.81
CA ILE D 158 -9.02 20.38 -2.55
C ILE D 158 -9.13 19.10 -1.77
N ILE D 159 -10.36 18.70 -1.49
CA ILE D 159 -10.60 17.51 -0.70
C ILE D 159 -11.61 16.60 -1.37
N ASN D 160 -11.23 15.34 -1.57
CA ASN D 160 -12.04 14.40 -2.33
C ASN D 160 -12.64 13.33 -1.42
N ILE D 161 -13.96 13.20 -1.42
CA ILE D 161 -14.60 12.23 -0.56
C ILE D 161 -14.80 10.95 -1.31
N GLY D 162 -14.36 9.84 -0.73
CA GLY D 162 -14.52 8.54 -1.35
C GLY D 162 -15.95 8.01 -1.24
N SER D 163 -16.22 6.93 -1.95
CA SER D 163 -17.52 6.32 -1.87
C SER D 163 -17.63 5.56 -0.55
N VAL D 164 -18.83 5.57 0.01
CA VAL D 164 -19.12 4.77 1.20
C VAL D 164 -19.27 3.29 0.81
N VAL D 165 -19.49 2.43 1.78
CA VAL D 165 -19.69 1.05 1.41
C VAL D 165 -21.14 0.87 0.97
N GLY D 166 -21.35 0.57 -0.32
CA GLY D 166 -22.70 0.59 -0.94
C GLY D 166 -23.40 -0.77 -1.11
N ALA D 167 -22.67 -1.87 -0.88
CA ALA D 167 -23.22 -3.23 -0.90
C ALA D 167 -22.24 -4.14 -0.16
N MET D 168 -22.77 -5.10 0.59
CA MET D 168 -21.95 -5.94 1.48
C MET D 168 -21.43 -7.25 0.85
N GLY D 169 -21.60 -7.41 -0.46
CA GLY D 169 -21.22 -8.63 -1.15
C GLY D 169 -19.85 -8.52 -1.78
N ASN D 170 -19.58 -9.46 -2.69
CA ASN D 170 -18.36 -9.44 -3.49
C ASN D 170 -18.42 -8.21 -4.37
N ALA D 171 -19.55 -8.12 -5.10
CA ALA D 171 -19.87 -6.96 -5.93
C ALA D 171 -19.48 -5.67 -5.23
N GLY D 172 -19.92 -5.52 -3.99
CA GLY D 172 -19.68 -4.30 -3.21
C GLY D 172 -18.26 -4.06 -2.78
N GLN D 173 -17.49 -5.12 -2.62
CA GLN D 173 -16.10 -4.96 -2.22
C GLN D 173 -15.23 -4.53 -3.39
N THR D 174 -15.37 -5.22 -4.53
CA THR D 174 -14.66 -4.88 -5.76
C THR D 174 -14.77 -3.39 -6.07
N ASN D 175 -16.00 -2.90 -5.97
CA ASN D 175 -16.27 -1.51 -6.27
C ASN D 175 -15.72 -0.52 -5.27
N TYR D 176 -15.74 -0.88 -3.99
CA TYR D 176 -15.22 0.01 -2.94
C TYR D 176 -13.70 0.04 -2.97
N ALA D 177 -13.07 -1.13 -3.12
CA ALA D 177 -11.63 -1.25 -3.21
C ALA D 177 -11.09 -0.48 -4.42
N ALA D 178 -11.80 -0.60 -5.53
CA ALA D 178 -11.41 0.02 -6.76
C ALA D 178 -11.53 1.52 -6.69
N ALA D 179 -12.66 1.98 -6.16
CA ALA D 179 -12.91 3.41 -6.03
C ALA D 179 -11.86 4.02 -5.11
N LYS D 180 -11.51 3.30 -4.07
CA LYS D 180 -10.48 3.74 -3.16
C LYS D 180 -9.07 3.83 -3.81
N ALA D 181 -8.64 2.79 -4.50
CA ALA D 181 -7.35 2.80 -5.15
C ALA D 181 -7.24 3.94 -6.16
N GLY D 182 -8.33 4.23 -6.84
CA GLY D 182 -8.35 5.27 -7.87
C GLY D 182 -8.28 6.65 -7.27
N LEU D 183 -9.07 6.86 -6.24
CA LEU D 183 -9.05 8.08 -5.47
C LEU D 183 -7.67 8.39 -4.89
N GLU D 184 -6.97 7.35 -4.43
CA GLU D 184 -5.71 7.54 -3.73
C GLU D 184 -4.59 7.93 -4.66
N GLY D 185 -4.48 7.19 -5.77
CA GLY D 185 -3.46 7.49 -6.78
C GLY D 185 -3.71 8.82 -7.47
N PHE D 186 -4.99 9.14 -7.67
CA PHE D 186 -5.37 10.40 -8.26
C PHE D 186 -5.02 11.57 -7.34
N THR D 187 -5.41 11.43 -6.08
CA THR D 187 -5.19 12.48 -5.10
C THR D 187 -3.71 12.75 -4.92
N ARG D 188 -2.93 11.68 -4.80
CA ARG D 188 -1.48 11.79 -4.66
C ARG D 188 -0.89 12.50 -5.90
N ALA D 189 -1.25 12.06 -7.09
CA ALA D 189 -0.68 12.64 -8.31
C ALA D 189 -1.02 14.11 -8.46
N LEU D 190 -2.26 14.47 -8.14
CA LEU D 190 -2.66 15.85 -8.29
C LEU D 190 -1.95 16.73 -7.27
N ALA D 191 -1.80 16.22 -6.04
CA ALA D 191 -1.07 16.94 -5.01
C ALA D 191 0.34 17.32 -5.47
N ARG D 192 1.02 16.36 -6.08
CA ARG D 192 2.37 16.60 -6.64
C ARG D 192 2.41 17.65 -7.73
N GLU D 193 1.35 17.70 -8.54
CA GLU D 193 1.28 18.64 -9.66
CA GLU D 193 1.20 18.65 -9.65
C GLU D 193 1.06 20.08 -9.18
N VAL D 194 0.26 20.28 -8.14
CA VAL D 194 -0.12 21.64 -7.74
C VAL D 194 0.57 22.12 -6.47
N GLY D 195 1.30 21.23 -5.81
CA GLY D 195 1.95 21.50 -4.53
C GLY D 195 2.75 22.78 -4.48
N SER D 196 3.58 23.01 -5.49
CA SER D 196 4.45 24.19 -5.50
C SER D 196 3.70 25.51 -5.34
N ARG D 197 2.38 25.50 -5.48
CA ARG D 197 1.60 26.72 -5.34
C ARG D 197 0.86 26.82 -4.01
N ALA D 198 1.27 26.02 -3.04
CA ALA D 198 0.65 26.04 -1.71
C ALA D 198 -0.81 25.63 -1.76
N ILE D 199 -1.09 24.64 -2.59
CA ILE D 199 -2.40 24.04 -2.67
C ILE D 199 -2.32 22.59 -2.23
N THR D 200 -2.96 22.26 -1.11
CA THR D 200 -3.05 20.86 -0.70
C THR D 200 -4.22 20.16 -1.37
N VAL D 201 -4.02 18.88 -1.62
CA VAL D 201 -4.99 18.02 -2.25
C VAL D 201 -5.03 16.73 -1.47
N ASN D 202 -6.18 16.44 -0.87
CA ASN D 202 -6.32 15.28 0.00
C ASN D 202 -7.64 14.56 -0.20
N ALA D 203 -7.70 13.36 0.33
CA ALA D 203 -8.90 12.59 0.21
C ALA D 203 -9.32 12.08 1.55
N VAL D 204 -10.59 11.73 1.67
CA VAL D 204 -11.14 11.06 2.86
C VAL D 204 -11.91 9.82 2.43
N ALA D 205 -11.57 8.68 3.00
CA ALA D 205 -12.09 7.40 2.57
C ALA D 205 -13.00 6.84 3.61
N PRO D 206 -14.30 7.17 3.53
CA PRO D 206 -15.20 6.73 4.56
C PRO D 206 -15.39 5.23 4.50
N GLY D 207 -15.54 4.63 5.69
CA GLY D 207 -15.91 3.24 5.80
C GLY D 207 -17.42 3.09 5.77
N PHE D 208 -17.97 2.44 6.80
CA PHE D 208 -19.41 2.29 6.93
CA PHE D 208 -19.41 2.27 6.96
C PHE D 208 -20.00 3.42 7.75
N ILE D 209 -20.70 4.30 7.04
CA ILE D 209 -21.26 5.51 7.60
C ILE D 209 -22.76 5.35 7.72
N ASP D 210 -23.33 5.91 8.79
CA ASP D 210 -24.77 5.96 8.94
C ASP D 210 -25.39 6.94 7.91
N THR D 211 -25.98 6.40 6.83
CA THR D 211 -26.64 7.13 5.70
C THR D 211 -27.92 6.39 5.20
N ASP D 212 -28.64 7.01 4.27
CA ASP D 212 -29.90 6.47 3.65
C ASP D 212 -29.82 5.00 3.23
N MET D 213 -28.67 4.65 2.66
CA MET D 213 -28.42 3.29 2.17
C MET D 213 -28.36 2.30 3.34
N THR D 214 -27.52 2.61 4.32
CA THR D 214 -27.15 1.66 5.37
C THR D 214 -28.31 1.33 6.32
N ARG D 215 -29.25 2.27 6.45
CA ARG D 215 -30.34 2.16 7.39
C ARG D 215 -31.42 1.18 6.97
N GLU D 216 -31.57 0.99 5.67
CA GLU D 216 -32.76 0.33 5.10
C GLU D 216 -32.58 -1.15 4.71
N LEU D 217 -31.36 -1.68 4.85
CA LEU D 217 -31.10 -3.10 4.64
C LEU D 217 -31.28 -3.72 6.02
N PRO D 218 -32.29 -4.63 6.20
CA PRO D 218 -32.52 -5.08 7.57
C PRO D 218 -31.33 -5.78 8.21
N GLU D 219 -31.41 -5.78 9.54
CA GLU D 219 -30.27 -5.91 10.46
C GLU D 219 -29.43 -7.18 10.53
N ALA D 220 -30.02 -8.36 10.35
CA ALA D 220 -29.29 -9.60 10.61
C ALA D 220 -28.04 -9.69 9.74
N GLN D 221 -28.19 -9.24 8.49
CA GLN D 221 -27.07 -9.04 7.59
C GLN D 221 -26.31 -7.73 7.85
N ARG D 222 -27.03 -6.66 8.15
CA ARG D 222 -26.40 -5.38 8.48
C ARG D 222 -25.61 -5.47 9.80
N GLU D 223 -26.17 -6.15 10.80
CA GLU D 223 -25.53 -6.32 12.12
C GLU D 223 -24.21 -7.11 12.02
N ALA D 224 -24.18 -8.06 11.12
CA ALA D 224 -22.92 -8.67 10.67
C ALA D 224 -21.81 -7.67 10.23
N LEU D 225 -22.24 -6.48 9.83
CA LEU D 225 -21.30 -5.41 9.50
C LEU D 225 -20.58 -4.85 10.71
N LEU D 226 -21.31 -4.66 11.81
CA LEU D 226 -20.71 -4.15 13.03
C LEU D 226 -19.62 -5.08 13.52
N GLY D 227 -19.81 -6.38 13.31
CA GLY D 227 -18.80 -7.39 13.68
C GLY D 227 -17.47 -7.27 12.93
N GLN D 228 -17.50 -6.61 11.77
CA GLN D 228 -16.30 -6.35 10.97
C GLN D 228 -15.59 -5.03 11.35
N ILE D 229 -16.22 -4.23 12.20
CA ILE D 229 -15.72 -2.91 12.57
C ILE D 229 -15.27 -2.89 14.03
N PRO D 230 -13.97 -2.78 14.29
CA PRO D 230 -13.43 -2.81 15.65
C PRO D 230 -14.11 -1.84 16.62
N LEU D 231 -14.39 -0.62 16.19
CA LEU D 231 -15.16 0.30 17.02
C LEU D 231 -16.59 -0.17 17.33
N GLY D 232 -17.09 -1.18 16.60
CA GLY D 232 -18.37 -1.79 16.89
C GLY D 232 -19.58 -0.93 16.57
N ARG D 233 -19.41 0.07 15.70
CA ARG D 233 -20.50 0.96 15.34
C ARG D 233 -20.31 1.53 13.95
N LEU D 234 -21.39 2.09 13.41
CA LEU D 234 -21.35 2.85 12.16
C LEU D 234 -20.81 4.22 12.46
N GLY D 235 -20.12 4.82 11.50
CA GLY D 235 -19.61 6.16 11.67
C GLY D 235 -20.72 7.13 11.33
N GLN D 236 -20.63 8.34 11.89
CA GLN D 236 -21.59 9.38 11.61
C GLN D 236 -21.09 10.27 10.48
N ALA D 237 -22.01 10.87 9.73
CA ALA D 237 -21.65 11.82 8.69
C ALA D 237 -20.79 12.94 9.26
N GLU D 238 -21.17 13.45 10.42
CA GLU D 238 -20.42 14.51 11.09
C GLU D 238 -18.96 14.14 11.28
N GLU D 239 -18.70 12.86 11.50
CA GLU D 239 -17.36 12.38 11.81
C GLU D 239 -16.49 12.37 10.57
N ILE D 240 -17.11 12.27 9.41
CA ILE D 240 -16.37 12.51 8.16
C ILE D 240 -16.11 14.00 8.00
N ALA D 241 -17.12 14.79 8.31
CA ALA D 241 -17.06 16.23 8.12
C ALA D 241 -15.98 16.88 8.98
N LYS D 242 -15.75 16.39 10.19
CA LYS D 242 -14.72 17.00 11.04
C LYS D 242 -13.34 16.82 10.43
N VAL D 243 -13.13 15.69 9.77
CA VAL D 243 -11.85 15.42 9.12
C VAL D 243 -11.66 16.39 7.96
N VAL D 244 -12.70 16.55 7.16
CA VAL D 244 -12.68 17.52 6.07
C VAL D 244 -12.43 18.90 6.63
N GLY D 245 -13.10 19.21 7.74
CA GLY D 245 -12.95 20.51 8.40
C GLY D 245 -11.51 20.79 8.79
N PHE D 246 -10.87 19.78 9.38
CA PHE D 246 -9.47 19.88 9.70
C PHE D 246 -8.54 20.04 8.47
N LEU D 247 -8.75 19.21 7.46
CA LEU D 247 -7.89 19.26 6.28
C LEU D 247 -7.97 20.64 5.60
N ALA D 248 -9.11 21.30 5.71
CA ALA D 248 -9.32 22.63 5.12
C ALA D 248 -8.61 23.75 5.85
N SER D 249 -8.16 23.47 7.07
CA SER D 249 -7.55 24.49 7.92
C SER D 249 -6.10 24.80 7.56
N ASP D 250 -5.58 25.92 8.09
CA ASP D 250 -4.16 26.28 7.90
CA ASP D 250 -4.17 26.30 7.90
C ASP D 250 -3.28 25.28 8.61
N GLY D 251 -3.78 24.72 9.70
CA GLY D 251 -3.04 23.72 10.46
C GLY D 251 -2.65 22.50 9.64
N ALA D 252 -3.48 22.14 8.67
CA ALA D 252 -3.21 20.98 7.82
C ALA D 252 -2.36 21.33 6.60
N ALA D 253 -1.67 22.46 6.62
CA ALA D 253 -0.94 22.94 5.43
C ALA D 253 0.16 22.01 4.89
N TYR D 254 0.79 21.23 5.77
CA TYR D 254 1.82 20.29 5.33
C TYR D 254 1.28 18.89 5.00
N VAL D 255 -0.05 18.69 5.07
CA VAL D 255 -0.66 17.44 4.67
C VAL D 255 -1.11 17.58 3.23
N THR D 256 -0.53 16.79 2.34
CA THR D 256 -0.98 16.79 0.94
C THR D 256 -0.72 15.45 0.26
N GLY D 257 -1.60 15.07 -0.67
CA GLY D 257 -1.54 13.75 -1.35
C GLY D 257 -1.88 12.59 -0.43
N ALA D 258 -2.53 12.90 0.67
CA ALA D 258 -2.86 11.91 1.67
C ALA D 258 -4.29 11.49 1.51
N THR D 259 -4.58 10.23 1.83
CA THR D 259 -5.94 9.73 1.89
C THR D 259 -6.22 9.23 3.31
N VAL D 260 -7.07 9.94 4.03
CA VAL D 260 -7.35 9.65 5.43
C VAL D 260 -8.52 8.69 5.53
N PRO D 261 -8.28 7.47 6.05
CA PRO D 261 -9.38 6.52 6.20
C PRO D 261 -10.16 6.84 7.49
N VAL D 262 -11.49 6.78 7.40
CA VAL D 262 -12.35 7.13 8.50
C VAL D 262 -13.38 6.02 8.57
N ASN D 263 -12.95 4.88 9.09
CA ASN D 263 -13.65 3.60 8.93
C ASN D 263 -13.78 2.75 10.18
N GLY D 264 -13.47 3.31 11.34
CA GLY D 264 -13.63 2.60 12.59
C GLY D 264 -12.71 1.40 12.76
N GLY D 265 -11.71 1.32 11.90
CA GLY D 265 -10.75 0.24 11.94
C GLY D 265 -11.01 -0.89 10.97
N MET D 266 -12.05 -0.74 10.15
CA MET D 266 -12.36 -1.71 9.08
C MET D 266 -11.60 -1.31 7.81
N TYR D 267 -10.58 -2.08 7.45
CA TYR D 267 -9.79 -1.80 6.22
C TYR D 267 -9.89 -2.92 5.18
N MET D 268 -10.31 -2.52 3.99
CA MET D 268 -10.49 -3.45 2.90
C MET D 268 -9.94 -2.82 1.61
N SER D 269 -9.06 -3.54 0.92
CA SER D 269 -8.54 -3.10 -0.39
C SER D 269 -8.36 -4.27 -1.37
FAP 34X E . 3.67 -6.10 15.60
CAO 34X E . 4.01 -5.76 14.56
CAN 34X E . 3.05 -5.46 13.60
CAM 34X E . 3.43 -5.06 12.35
CAA 34X E . 4.80 -4.98 12.07
CAB 34X E . 5.73 -5.27 13.04
CAC 34X E . 5.38 -5.66 14.34
NAD 34X E . 6.16 -6.05 15.42
CAE 34X E . 7.52 -6.03 15.44
OAQ 34X E . 8.18 -6.43 16.39
NAF 34X E . 8.03 -5.38 14.42
NAG 34X E . 9.08 -5.36 14.03
CAH 34X E . 9.03 -4.91 12.81
CAR 34X E . 10.33 -5.76 14.27
NAW 34X E . 10.75 -6.30 15.41
NAS 34X E . 11.10 -5.47 13.18
CAI 34X E . 10.22 -4.96 12.29
CAJ 34X E . 10.37 -4.47 11.08
CAK 34X E . 9.21 -4.11 10.38
CAL 34X E . 9.33 -3.54 9.13
CAV 34X E . 10.58 -3.36 8.60
CAU 34X E . 11.72 -3.71 9.30
CAT 34X E . 11.62 -4.26 10.55
FAP 34X F . -4.73 9.24 -12.52
CAO 34X F . -5.08 7.96 -12.00
CAN 34X F . -4.36 7.50 -10.90
CAM 34X F . -4.69 6.25 -10.37
CAA 34X F . -5.70 5.47 -10.92
CAB 34X F . -6.38 5.95 -12.02
CAC 34X F . -6.10 7.18 -12.57
NAD 34X F . -6.70 7.77 -13.60
CAE 34X F . -7.84 7.51 -14.30
OAQ 34X F . -8.06 8.41 -15.11
NAF 34X F . -8.75 6.47 -14.41
NAG 34X F . -8.96 5.20 -13.79
CAH 34X F . -8.65 4.62 -12.65
CAR 34X F . -9.73 4.28 -14.40
NAW 34X F . -10.29 4.43 -15.62
NAS 34X F . -9.87 3.17 -13.69
CAI 34X F . -9.17 3.40 -12.61
CAJ 34X F . -9.00 2.58 -11.57
CAK 34X F . -8.16 2.95 -10.51
CAL 34X F . -7.99 2.12 -9.41
CAV 34X F . -8.68 0.91 -9.37
CAU 34X F . -9.52 0.51 -10.42
CAT 34X F . -9.68 1.36 -11.51
S SO4 G . 4.40 -25.27 -14.69
O1 SO4 G . 4.24 -25.37 -16.17
O2 SO4 G . 3.55 -26.23 -13.95
O3 SO4 G . 4.07 -23.91 -14.21
O4 SO4 G . 5.83 -25.58 -14.40
#